data_5BN5
#
_entry.id   5BN5
#
_cell.length_a   192.649
_cell.length_b   192.649
_cell.length_c   108.566
_cell.angle_alpha   90.00
_cell.angle_beta   90.00
_cell.angle_gamma   120.00
#
_symmetry.space_group_name_H-M   'H 3'
#
loop_
_entity.id
_entity.type
_entity.pdbx_description
1 polymer 'V-type ATP synthase alpha chain'
2 polymer NEQ263
3 non-polymer 'SULFATE ION'
#
loop_
_entity_poly.entity_id
_entity_poly.type
_entity_poly.pdbx_seq_one_letter_code
_entity_poly.pdbx_strand_id
1 'polypeptide(L)'
;MNRIISINGPLVIAKGKFSIFEVVRVGEEKLIGEVIGIENDKAYIQVYEDTNGLKVGEPVFNTGKPLTIELGPGLLANIF
DGLGRPLKDIYEKTQSIYIPKGIDLPTLDRKKVWEFIPKKKKGDTIKGGDIIGTVNENGFEHRIIVPPNVEGKIEEIYEG
NFTIEETIAIVNGKPIKLYHEWPIRKPRPYKEKLDYNYPFITGTRVLDIMFPIAKGGSAAVPGPFGSGKTVLNQQIAKWA
DSDIVIYIGCGERGNEMTEVLEEFPKLKDPKTGKPLMYRTILIANTSNMPIAAREASIYLGATIGEYFRDQGYSVVVNAD
STSRWAEALREISSRLGEIPSEEGYPAYLLRKLAEFYERSGRVRTLNDLEGSLTIIGAVSPPGGDFSEPVTQNTLRLVGA
LWALDSKLAYKRHYPAINYLISYTKQWEFVKKYFEELYEDVIEIREEFFAILKRESELMDIVSIVGPDALSDNEKIYLHM
GRIIREGFLQQDAFDENDSYSPLEKTIELMRIIHKYYVTVKQLLGKIPLEEIEQKGIHEKIIKLRYKSLKEFREEIKAIE
QEILSLLNSQ
;
A
2 'polypeptide(L)'
;MPSIKPPLIAVELENPMLGEVIDLEETKAIVIAAYENKALALLFDYYTGEIKQINRQGNTYKIAVSEDYIGGIFNGFGEP
IKGPKPYPEDYRDINGLAINPYARKVPNEILYTGISSIDVAHPLLKGQKIAIFSPPGLPMERLALQIARNVAKDKTIIFA
AIGVPSDIYKMFIDEFINTKAIMNSAIFISKADSSPIEKIYTPRVALTLAEYLAFEKNRDVLVLMLDMTNYADALREIST
LRKEIPSRRGYPAYLYTDLASIYERSGLTSKGSITLIPMLTMPGNDITHVVPDLTGYITEGQYVLSQDLHSKNIYPPIDL
LKSLSRLAKNGMSKKHKKYADILIKSYAKGLEARDIATIVGEDSLSKEDKAYLKFAELVEKEFIKQDYYEYRSIEKSFEI
IDSILSQSGLPYSPIQ
;
B
#
loop_
_chem_comp.id
_chem_comp.type
_chem_comp.name
_chem_comp.formula
SO4 non-polymer 'SULFATE ION' 'O4 S -2'
#
# COMPACT_ATOMS: atom_id res chain seq x y z
N MET A 1 -33.22 -10.26 -22.97
CA MET A 1 -32.76 -11.41 -23.75
C MET A 1 -31.48 -12.01 -23.17
N ASN A 2 -30.53 -11.16 -22.83
CA ASN A 2 -29.27 -11.60 -22.25
C ASN A 2 -29.45 -12.19 -20.86
N ARG A 3 -28.66 -13.21 -20.54
CA ARG A 3 -28.75 -13.87 -19.25
C ARG A 3 -27.44 -14.54 -18.85
N ILE A 4 -27.11 -14.44 -17.57
CA ILE A 4 -25.90 -15.06 -17.04
C ILE A 4 -26.04 -16.58 -17.04
N ILE A 5 -24.97 -17.28 -17.38
CA ILE A 5 -24.98 -18.74 -17.34
C ILE A 5 -23.98 -19.28 -16.33
N SER A 6 -23.01 -18.44 -15.95
CA SER A 6 -21.97 -18.86 -15.01
C SER A 6 -21.41 -17.67 -14.24
N ILE A 7 -21.19 -17.88 -12.94
CA ILE A 7 -20.60 -16.87 -12.08
C ILE A 7 -19.39 -17.45 -11.37
N ASN A 8 -18.22 -16.86 -11.62
CA ASN A 8 -16.98 -17.37 -11.04
C ASN A 8 -16.08 -16.24 -10.52
N GLY A 9 -16.30 -15.83 -9.28
CA GLY A 9 -15.54 -14.75 -8.68
C GLY A 9 -15.81 -13.42 -9.37
N PRO A 10 -14.75 -12.75 -9.84
CA PRO A 10 -14.89 -11.51 -10.59
C PRO A 10 -15.32 -11.76 -12.02
N LEU A 11 -15.30 -13.02 -12.43
CA LEU A 11 -15.68 -13.40 -13.79
C LEU A 11 -17.15 -13.83 -13.86
N VAL A 12 -17.86 -13.31 -14.87
CA VAL A 12 -19.26 -13.66 -15.08
C VAL A 12 -19.52 -13.97 -16.55
N ILE A 13 -20.01 -15.17 -16.82
CA ILE A 13 -20.31 -15.60 -18.19
C ILE A 13 -21.79 -15.42 -18.50
N ALA A 14 -22.09 -14.66 -19.56
CA ALA A 14 -23.47 -14.38 -19.93
C ALA A 14 -23.85 -15.00 -21.28
N LYS A 15 -25.15 -15.06 -21.55
CA LYS A 15 -25.67 -15.63 -22.79
C LYS A 15 -26.39 -14.57 -23.60
N GLY A 16 -25.76 -14.09 -24.66
CA GLY A 16 -26.36 -13.09 -25.52
C GLY A 16 -25.41 -12.50 -26.54
N LYS A 17 -25.88 -11.50 -27.27
CA LYS A 17 -25.07 -10.84 -28.29
C LYS A 17 -24.26 -9.69 -27.69
N PHE A 18 -22.93 -9.83 -27.74
CA PHE A 18 -22.06 -8.80 -27.19
C PHE A 18 -20.89 -8.50 -28.12
N SER A 19 -20.32 -7.31 -27.97
CA SER A 19 -19.11 -6.95 -28.69
C SER A 19 -17.94 -6.94 -27.71
N ILE A 20 -16.72 -6.99 -28.22
CA ILE A 20 -15.55 -7.03 -27.35
C ILE A 20 -15.30 -5.67 -26.70
N PHE A 21 -14.77 -5.69 -25.49
CA PHE A 21 -14.50 -4.47 -24.71
C PHE A 21 -15.73 -3.57 -24.58
N GLU A 22 -16.89 -4.19 -24.39
CA GLU A 22 -18.15 -3.47 -24.25
C GLU A 22 -18.57 -3.37 -22.78
N VAL A 23 -18.98 -2.18 -22.37
CA VAL A 23 -19.47 -1.97 -21.01
C VAL A 23 -20.87 -2.58 -20.85
N VAL A 24 -21.07 -3.30 -19.76
CA VAL A 24 -22.35 -3.94 -19.51
C VAL A 24 -22.85 -3.65 -18.09
N ARG A 25 -24.11 -3.97 -17.84
CA ARG A 25 -24.69 -3.83 -16.50
C ARG A 25 -25.18 -5.20 -16.01
N VAL A 26 -24.42 -5.79 -15.10
CA VAL A 26 -24.67 -7.16 -14.65
C VAL A 26 -25.82 -7.26 -13.64
N GLY A 27 -26.76 -8.15 -13.91
CA GLY A 27 -27.86 -8.42 -13.00
C GLY A 27 -28.92 -7.33 -12.97
N GLU A 28 -29.92 -7.53 -12.12
CA GLU A 28 -30.97 -6.53 -11.94
C GLU A 28 -30.47 -5.38 -11.08
N GLU A 29 -29.32 -5.59 -10.45
CA GLU A 29 -28.70 -4.56 -9.63
C GLU A 29 -27.82 -3.67 -10.52
N LYS A 30 -27.67 -4.09 -11.77
CA LYS A 30 -26.91 -3.34 -12.78
C LYS A 30 -25.46 -3.06 -12.36
N LEU A 31 -24.64 -4.11 -12.38
CA LEU A 31 -23.24 -3.98 -11.99
C LEU A 31 -22.37 -3.69 -13.21
N ILE A 32 -21.56 -2.63 -13.11
CA ILE A 32 -20.70 -2.21 -14.21
C ILE A 32 -19.63 -3.26 -14.53
N GLY A 33 -19.60 -3.69 -15.79
CA GLY A 33 -18.63 -4.69 -16.22
C GLY A 33 -18.07 -4.40 -17.60
N GLU A 34 -17.18 -5.27 -18.06
CA GLU A 34 -16.56 -5.11 -19.37
C GLU A 34 -16.29 -6.46 -20.02
N VAL A 35 -16.81 -6.64 -21.24
CA VAL A 35 -16.61 -7.89 -21.98
C VAL A 35 -15.14 -8.04 -22.38
N ILE A 36 -14.55 -9.18 -22.04
CA ILE A 36 -13.14 -9.42 -22.35
C ILE A 36 -12.96 -10.61 -23.28
N GLY A 37 -13.99 -11.45 -23.38
CA GLY A 37 -13.93 -12.63 -24.22
C GLY A 37 -15.29 -13.01 -24.80
N ILE A 38 -15.28 -13.67 -25.95
CA ILE A 38 -16.51 -14.11 -26.60
C ILE A 38 -16.43 -15.58 -26.99
N GLU A 39 -17.39 -16.37 -26.54
CA GLU A 39 -17.46 -17.78 -26.89
C GLU A 39 -18.77 -18.07 -27.63
N ASN A 40 -18.74 -17.94 -28.96
CA ASN A 40 -19.91 -18.16 -29.80
C ASN A 40 -21.10 -17.30 -29.39
N ASP A 41 -22.11 -17.92 -28.79
CA ASP A 41 -23.30 -17.22 -28.36
C ASP A 41 -23.12 -16.60 -26.98
N LYS A 42 -22.00 -16.93 -26.34
CA LYS A 42 -21.70 -16.44 -25.00
C LYS A 42 -20.65 -15.34 -25.02
N ALA A 43 -20.43 -14.72 -23.87
CA ALA A 43 -19.44 -13.66 -23.74
C ALA A 43 -18.83 -13.64 -22.34
N TYR A 44 -17.51 -13.63 -22.28
CA TYR A 44 -16.79 -13.58 -21.01
C TYR A 44 -16.64 -12.14 -20.53
N ILE A 45 -17.19 -11.86 -19.36
CA ILE A 45 -17.21 -10.50 -18.83
C ILE A 45 -16.60 -10.43 -17.42
N GLN A 46 -15.77 -9.42 -17.20
CA GLN A 46 -15.23 -9.18 -15.87
C GLN A 46 -16.05 -8.09 -15.16
N VAL A 47 -16.30 -8.28 -13.87
CA VAL A 47 -17.12 -7.33 -13.12
C VAL A 47 -16.27 -6.51 -12.16
N TYR A 48 -16.41 -5.19 -12.23
CA TYR A 48 -15.65 -4.28 -11.38
C TYR A 48 -16.29 -4.10 -10.02
N GLU A 49 -17.16 -5.02 -9.65
CA GLU A 49 -17.83 -4.99 -8.35
C GLU A 49 -18.00 -6.39 -7.78
N ASP A 50 -18.69 -6.50 -6.66
CA ASP A 50 -18.91 -7.78 -6.00
C ASP A 50 -19.94 -8.63 -6.75
N THR A 51 -19.68 -9.92 -6.85
CA THR A 51 -20.59 -10.83 -7.54
C THR A 51 -21.10 -11.92 -6.60
N ASN A 52 -20.96 -11.69 -5.30
CA ASN A 52 -21.41 -12.66 -4.30
C ASN A 52 -22.88 -12.45 -3.93
N GLY A 53 -23.76 -13.17 -4.63
CA GLY A 53 -25.19 -13.05 -4.38
C GLY A 53 -25.99 -12.99 -5.66
N LEU A 54 -25.28 -12.90 -6.79
CA LEU A 54 -25.92 -12.81 -8.10
C LEU A 54 -26.56 -14.14 -8.49
N LYS A 55 -27.68 -14.06 -9.20
CA LYS A 55 -28.39 -15.25 -9.65
C LYS A 55 -27.99 -15.62 -11.08
N VAL A 56 -28.33 -16.84 -11.48
CA VAL A 56 -28.11 -17.28 -12.86
C VAL A 56 -29.26 -16.76 -13.72
N GLY A 57 -30.39 -16.49 -13.10
CA GLY A 57 -31.54 -15.96 -13.79
C GLY A 57 -31.55 -14.45 -13.86
N GLU A 58 -30.36 -13.85 -13.86
CA GLU A 58 -30.23 -12.40 -13.94
C GLU A 58 -29.75 -11.95 -15.31
N PRO A 59 -30.32 -10.86 -15.83
CA PRO A 59 -29.99 -10.33 -17.16
C PRO A 59 -28.75 -9.47 -17.17
N VAL A 60 -28.25 -9.16 -18.36
CA VAL A 60 -27.09 -8.29 -18.53
C VAL A 60 -27.36 -7.27 -19.62
N PHE A 61 -27.35 -5.99 -19.25
CA PHE A 61 -27.71 -4.92 -20.17
C PHE A 61 -26.51 -4.43 -20.98
N ASN A 62 -26.80 -3.84 -22.14
CA ASN A 62 -25.75 -3.32 -23.02
C ASN A 62 -25.57 -1.82 -22.87
N THR A 63 -24.51 -1.29 -23.48
CA THR A 63 -24.25 0.15 -23.47
C THR A 63 -23.90 0.65 -24.87
N GLY A 64 -23.13 -0.15 -25.59
CA GLY A 64 -22.73 0.20 -26.95
C GLY A 64 -21.41 0.95 -27.00
N LYS A 65 -20.91 1.36 -25.83
CA LYS A 65 -19.67 2.10 -25.74
C LYS A 65 -18.65 1.44 -24.84
N PRO A 66 -17.38 1.86 -24.96
CA PRO A 66 -16.27 1.34 -24.15
C PRO A 66 -16.12 2.08 -22.82
N LEU A 67 -15.23 1.59 -21.96
CA LEU A 67 -14.98 2.22 -20.67
C LEU A 67 -14.30 3.57 -20.87
N THR A 68 -14.95 4.63 -20.38
CA THR A 68 -14.42 5.98 -20.55
C THR A 68 -14.29 6.73 -19.22
N ILE A 69 -13.76 7.95 -19.30
CA ILE A 69 -13.61 8.80 -18.13
C ILE A 69 -13.77 10.27 -18.50
N GLU A 70 -14.46 11.03 -17.67
CA GLU A 70 -14.69 12.45 -17.92
C GLU A 70 -13.41 13.25 -17.73
N LEU A 71 -12.88 13.76 -18.84
CA LEU A 71 -11.64 14.53 -18.81
C LEU A 71 -11.91 16.03 -18.84
N GLY A 72 -11.87 16.66 -17.67
CA GLY A 72 -12.10 18.09 -17.56
C GLY A 72 -11.90 18.59 -16.14
N PRO A 73 -12.21 19.87 -15.90
CA PRO A 73 -12.10 20.49 -14.57
C PRO A 73 -12.97 19.79 -13.54
N GLY A 74 -12.40 19.50 -12.37
CA GLY A 74 -13.11 18.81 -11.31
C GLY A 74 -12.39 17.56 -10.85
N LEU A 75 -11.20 17.34 -11.40
CA LEU A 75 -10.39 16.18 -11.04
C LEU A 75 -9.37 16.52 -9.96
N LEU A 76 -8.95 17.78 -9.94
CA LEU A 76 -7.94 18.24 -8.98
C LEU A 76 -8.49 18.27 -7.56
N ALA A 77 -7.62 17.93 -6.60
CA ALA A 77 -7.95 17.94 -5.17
C ALA A 77 -9.08 16.99 -4.80
N ASN A 78 -9.40 16.06 -5.69
CA ASN A 78 -10.45 15.08 -5.44
C ASN A 78 -9.93 13.64 -5.54
N ILE A 79 -10.58 12.74 -4.80
CA ILE A 79 -10.19 11.33 -4.81
C ILE A 79 -11.25 10.47 -5.49
N PHE A 80 -10.81 9.58 -6.38
CA PHE A 80 -11.72 8.73 -7.13
C PHE A 80 -11.31 7.26 -7.01
N ASP A 81 -12.07 6.38 -7.67
CA ASP A 81 -11.77 4.95 -7.63
C ASP A 81 -11.19 4.47 -8.95
N GLY A 82 -11.26 3.17 -9.19
CA GLY A 82 -10.77 2.58 -10.42
C GLY A 82 -11.65 2.92 -11.60
N LEU A 83 -12.93 3.17 -11.33
CA LEU A 83 -13.88 3.51 -12.38
C LEU A 83 -14.08 5.02 -12.49
N GLY A 84 -13.31 5.77 -11.69
CA GLY A 84 -13.38 7.22 -11.72
C GLY A 84 -14.65 7.76 -11.08
N ARG A 85 -14.98 7.24 -9.91
CA ARG A 85 -16.17 7.69 -9.18
C ARG A 85 -15.78 8.40 -7.89
N PRO A 86 -16.35 9.58 -7.65
CA PRO A 86 -16.00 10.44 -6.51
C PRO A 86 -16.31 9.78 -5.17
N LEU A 87 -15.27 9.56 -4.37
CA LEU A 87 -15.44 8.98 -3.05
C LEU A 87 -16.00 9.99 -2.06
N LYS A 88 -15.99 11.27 -2.46
CA LYS A 88 -16.59 12.33 -1.67
C LYS A 88 -18.11 12.31 -1.82
N ASP A 89 -18.57 12.26 -3.06
CA ASP A 89 -20.00 12.27 -3.36
C ASP A 89 -20.69 10.99 -2.88
N ILE A 90 -19.98 9.87 -2.94
CA ILE A 90 -20.51 8.60 -2.45
C ILE A 90 -20.79 8.67 -0.96
N TYR A 91 -19.86 9.29 -0.21
CA TYR A 91 -20.01 9.47 1.22
C TYR A 91 -21.14 10.44 1.55
N GLU A 92 -21.42 11.35 0.63
CA GLU A 92 -22.43 12.39 0.85
C GLU A 92 -23.82 11.95 0.38
N LYS A 93 -23.86 11.13 -0.67
CA LYS A 93 -25.13 10.64 -1.19
C LYS A 93 -25.68 9.48 -0.37
N THR A 94 -24.78 8.78 0.33
CA THR A 94 -25.18 7.60 1.11
C THR A 94 -25.13 7.85 2.61
N GLN A 95 -24.41 8.91 3.01
CA GLN A 95 -24.21 9.24 4.42
C GLN A 95 -23.62 8.09 5.21
N SER A 96 -22.82 7.27 4.53
CA SER A 96 -22.18 6.11 5.16
C SER A 96 -20.71 6.05 4.82
N ILE A 97 -19.93 5.38 5.68
CA ILE A 97 -18.49 5.26 5.47
C ILE A 97 -18.17 4.07 4.57
N TYR A 98 -19.19 3.31 4.20
CA TYR A 98 -19.00 2.14 3.35
C TYR A 98 -19.31 2.47 1.89
N ILE A 99 -18.73 1.69 0.98
CA ILE A 99 -18.93 1.88 -0.45
C ILE A 99 -19.89 0.83 -1.00
N PRO A 100 -21.13 1.23 -1.30
CA PRO A 100 -22.16 0.34 -1.84
C PRO A 100 -21.80 -0.16 -3.23
N LYS A 101 -22.38 -1.30 -3.62
CA LYS A 101 -22.16 -1.83 -4.95
C LYS A 101 -23.29 -1.44 -5.90
N GLY A 102 -22.92 -0.86 -7.04
CA GLY A 102 -23.90 -0.45 -8.02
C GLY A 102 -24.25 1.02 -7.97
N ILE A 103 -23.40 1.81 -7.31
CA ILE A 103 -23.61 3.24 -7.23
C ILE A 103 -22.91 3.97 -8.38
N ASP A 104 -23.70 4.38 -9.37
CA ASP A 104 -23.15 5.01 -10.57
C ASP A 104 -23.38 6.53 -10.56
N LEU A 105 -22.33 7.28 -10.25
CA LEU A 105 -22.40 8.73 -10.22
C LEU A 105 -21.31 9.33 -11.10
N PRO A 106 -21.59 10.49 -11.72
CA PRO A 106 -20.62 11.15 -12.60
C PRO A 106 -19.33 11.54 -11.87
N THR A 107 -18.23 11.57 -12.60
CA THR A 107 -16.92 11.86 -12.03
C THR A 107 -16.80 13.31 -11.56
N LEU A 108 -17.06 14.24 -12.47
CA LEU A 108 -16.94 15.66 -12.17
C LEU A 108 -18.23 16.21 -11.56
N ASP A 109 -18.11 17.31 -10.82
CA ASP A 109 -19.27 17.95 -10.21
C ASP A 109 -20.11 18.63 -11.29
N ARG A 110 -21.40 18.31 -11.30
CA ARG A 110 -22.30 18.80 -12.34
C ARG A 110 -22.85 20.19 -12.00
N LYS A 111 -22.82 20.53 -10.72
CA LYS A 111 -23.37 21.81 -10.26
C LYS A 111 -22.28 22.86 -10.05
N LYS A 112 -21.03 22.47 -10.29
CA LYS A 112 -19.90 23.39 -10.13
C LYS A 112 -19.89 24.44 -11.23
N VAL A 113 -19.64 25.69 -10.84
CA VAL A 113 -19.60 26.80 -11.79
C VAL A 113 -18.17 27.25 -12.06
N TRP A 114 -17.67 26.95 -13.25
CA TRP A 114 -16.33 27.35 -13.66
C TRP A 114 -16.37 28.65 -14.45
N GLU A 115 -15.22 29.30 -14.58
CA GLU A 115 -15.13 30.53 -15.38
C GLU A 115 -14.27 30.29 -16.62
N PHE A 116 -14.92 29.92 -17.72
CA PHE A 116 -14.22 29.60 -18.95
C PHE A 116 -13.79 30.86 -19.71
N ILE A 117 -12.49 31.00 -19.92
CA ILE A 117 -11.95 32.10 -20.71
C ILE A 117 -11.34 31.56 -22.00
N PRO A 118 -12.00 31.82 -23.13
CA PRO A 118 -11.57 31.30 -24.44
C PRO A 118 -10.29 31.94 -24.94
N LYS A 119 -9.59 31.23 -25.82
CA LYS A 119 -8.36 31.74 -26.42
C LYS A 119 -8.51 31.81 -27.94
N LYS A 120 -9.47 31.07 -28.47
CA LYS A 120 -9.79 31.13 -29.89
C LYS A 120 -10.93 32.11 -30.14
N LYS A 121 -11.16 32.44 -31.41
CA LYS A 121 -12.20 33.40 -31.77
C LYS A 121 -13.19 32.80 -32.76
N LYS A 122 -14.30 33.49 -32.97
CA LYS A 122 -15.33 33.04 -33.90
C LYS A 122 -14.85 33.13 -35.35
N GLY A 123 -14.95 32.02 -36.07
CA GLY A 123 -14.52 31.97 -37.45
C GLY A 123 -13.17 31.32 -37.61
N ASP A 124 -12.52 31.04 -36.49
CA ASP A 124 -11.19 30.42 -36.50
C ASP A 124 -11.29 28.91 -36.71
N THR A 125 -10.47 28.39 -37.61
CA THR A 125 -10.45 26.95 -37.88
C THR A 125 -9.75 26.21 -36.75
N ILE A 126 -10.44 25.22 -36.19
CA ILE A 126 -9.88 24.44 -35.09
C ILE A 126 -9.72 22.97 -35.47
N LYS A 127 -8.63 22.35 -34.99
CA LYS A 127 -8.36 20.96 -35.28
C LYS A 127 -8.70 20.08 -34.09
N GLY A 128 -7.78 19.16 -33.77
CA GLY A 128 -7.93 18.30 -32.61
C GLY A 128 -6.79 18.51 -31.62
N GLY A 129 -7.13 18.59 -30.35
CA GLY A 129 -6.13 18.80 -29.31
C GLY A 129 -5.79 20.26 -29.09
N ASP A 130 -6.44 21.13 -29.86
CA ASP A 130 -6.22 22.58 -29.73
C ASP A 130 -6.83 23.12 -28.44
N ILE A 131 -6.21 24.18 -27.91
CA ILE A 131 -6.68 24.80 -26.70
C ILE A 131 -7.72 25.88 -27.01
N ILE A 132 -8.98 25.58 -26.75
CA ILE A 132 -10.07 26.52 -27.02
C ILE A 132 -10.11 27.62 -25.96
N GLY A 133 -9.57 27.33 -24.78
CA GLY A 133 -9.56 28.29 -23.69
C GLY A 133 -8.98 27.73 -22.41
N THR A 134 -8.91 28.58 -21.38
CA THR A 134 -8.36 28.17 -20.10
C THR A 134 -9.38 28.34 -18.97
N VAL A 135 -9.31 27.45 -17.99
CA VAL A 135 -10.20 27.50 -16.83
C VAL A 135 -9.40 27.48 -15.54
N ASN A 136 -9.59 28.50 -14.71
CA ASN A 136 -8.88 28.58 -13.43
C ASN A 136 -9.40 27.57 -12.42
N GLU A 137 -8.75 26.41 -12.36
CA GLU A 137 -9.14 25.35 -11.43
C GLU A 137 -8.31 25.42 -10.15
N ASN A 138 -8.75 26.28 -9.22
CA ASN A 138 -8.07 26.47 -7.94
C ASN A 138 -6.60 26.87 -8.08
N GLY A 139 -6.33 27.82 -8.97
CA GLY A 139 -4.98 28.33 -9.15
C GLY A 139 -4.25 27.65 -10.30
N PHE A 140 -4.92 26.70 -10.95
CA PHE A 140 -4.32 25.99 -12.08
C PHE A 140 -4.93 26.46 -13.39
N GLU A 141 -4.10 26.58 -14.41
CA GLU A 141 -4.55 26.99 -15.74
C GLU A 141 -4.96 25.77 -16.55
N HIS A 142 -6.16 25.25 -16.29
CA HIS A 142 -6.67 24.09 -16.99
C HIS A 142 -7.03 24.44 -18.43
N ARG A 143 -6.10 24.21 -19.34
CA ARG A 143 -6.30 24.54 -20.74
C ARG A 143 -7.25 23.56 -21.42
N ILE A 144 -8.49 24.01 -21.63
CA ILE A 144 -9.53 23.17 -22.21
C ILE A 144 -9.18 22.75 -23.64
N ILE A 145 -8.90 21.47 -23.82
CA ILE A 145 -8.55 20.93 -25.13
C ILE A 145 -9.72 20.20 -25.77
N VAL A 146 -9.93 20.46 -27.05
CA VAL A 146 -10.99 19.80 -27.81
C VAL A 146 -10.59 18.38 -28.15
N PRO A 147 -11.58 17.47 -28.29
CA PRO A 147 -11.32 16.08 -28.68
C PRO A 147 -10.52 15.98 -29.97
N PRO A 148 -9.61 15.01 -30.06
CA PRO A 148 -8.70 14.85 -31.20
C PRO A 148 -9.39 14.57 -32.53
N ASN A 149 -10.69 14.25 -32.49
CA ASN A 149 -11.40 13.86 -33.71
C ASN A 149 -12.10 15.03 -34.42
N VAL A 150 -12.55 16.01 -33.65
CA VAL A 150 -13.29 17.14 -34.22
C VAL A 150 -12.40 18.03 -35.11
N GLU A 151 -13.03 18.73 -36.04
CA GLU A 151 -12.31 19.56 -37.00
C GLU A 151 -13.25 20.54 -37.70
N GLY A 152 -12.76 21.75 -37.93
CA GLY A 152 -13.54 22.76 -38.65
C GLY A 152 -13.47 24.14 -38.03
N LYS A 153 -14.32 25.04 -38.52
CA LYS A 153 -14.37 26.40 -38.01
C LYS A 153 -15.34 26.54 -36.84
N ILE A 154 -15.16 27.60 -36.06
CA ILE A 154 -16.01 27.85 -34.91
C ILE A 154 -17.24 28.67 -35.29
N GLU A 155 -18.41 28.04 -35.24
CA GLU A 155 -19.67 28.71 -35.54
C GLU A 155 -19.98 29.73 -34.44
N GLU A 156 -20.05 29.25 -33.21
CA GLU A 156 -20.33 30.10 -32.06
C GLU A 156 -19.36 29.79 -30.92
N ILE A 157 -19.03 30.79 -30.13
CA ILE A 157 -18.13 30.61 -29.00
C ILE A 157 -18.49 31.56 -27.85
N TYR A 158 -18.59 31.01 -26.64
CA TYR A 158 -19.04 31.78 -25.49
C TYR A 158 -17.92 32.06 -24.50
N GLU A 159 -18.25 32.72 -23.40
CA GLU A 159 -17.26 33.12 -22.41
C GLU A 159 -17.91 33.39 -21.05
N GLY A 160 -17.23 33.00 -19.98
CA GLY A 160 -17.69 33.33 -18.64
C GLY A 160 -18.02 32.14 -17.75
N ASN A 161 -19.05 32.30 -16.94
CA ASN A 161 -19.43 31.29 -15.96
C ASN A 161 -20.35 30.21 -16.54
N PHE A 162 -19.89 28.97 -16.49
CA PHE A 162 -20.68 27.84 -16.97
C PHE A 162 -20.49 26.63 -16.05
N THR A 163 -21.32 25.61 -16.23
CA THR A 163 -21.15 24.35 -15.52
C THR A 163 -20.47 23.35 -16.43
N ILE A 164 -20.16 22.17 -15.90
CA ILE A 164 -19.41 21.17 -16.64
C ILE A 164 -20.24 20.52 -17.76
N GLU A 165 -21.55 20.73 -17.72
CA GLU A 165 -22.44 20.12 -18.71
C GLU A 165 -22.98 21.13 -19.71
N GLU A 166 -22.53 22.37 -19.62
CA GLU A 166 -23.00 23.41 -20.53
C GLU A 166 -22.07 23.59 -21.73
N THR A 167 -22.63 24.11 -22.82
CA THR A 167 -21.87 24.32 -24.05
C THR A 167 -21.15 25.65 -24.03
N ILE A 168 -19.85 25.61 -24.30
CA ILE A 168 -19.04 26.83 -24.33
C ILE A 168 -18.86 27.32 -25.77
N ALA A 169 -19.01 26.41 -26.73
CA ALA A 169 -18.84 26.75 -28.14
C ALA A 169 -19.44 25.65 -29.02
N ILE A 170 -19.86 26.03 -30.22
CA ILE A 170 -20.43 25.07 -31.17
C ILE A 170 -19.63 25.05 -32.47
N VAL A 171 -19.11 23.87 -32.81
CA VAL A 171 -18.28 23.72 -34.00
C VAL A 171 -18.83 22.66 -34.94
N ASN A 172 -19.16 23.07 -36.16
CA ASN A 172 -19.66 22.17 -37.20
C ASN A 172 -20.90 21.38 -36.81
N GLY A 173 -21.94 22.08 -36.37
CA GLY A 173 -23.19 21.45 -35.99
C GLY A 173 -23.05 20.54 -34.78
N LYS A 174 -22.02 20.78 -33.97
CA LYS A 174 -21.79 19.97 -32.78
C LYS A 174 -21.28 20.83 -31.63
N PRO A 175 -21.97 20.76 -30.48
CA PRO A 175 -21.60 21.52 -29.29
C PRO A 175 -20.26 21.06 -28.71
N ILE A 176 -19.54 21.97 -28.07
CA ILE A 176 -18.28 21.64 -27.42
C ILE A 176 -18.35 21.99 -25.93
N LYS A 177 -18.17 20.98 -25.09
CA LYS A 177 -18.26 21.17 -23.64
C LYS A 177 -16.87 21.37 -23.03
N LEU A 178 -16.83 21.43 -21.70
CA LEU A 178 -15.57 21.57 -20.98
C LEU A 178 -14.95 20.21 -20.69
N TYR A 179 -15.69 19.15 -21.01
CA TYR A 179 -15.22 17.79 -20.79
C TYR A 179 -15.52 16.90 -21.99
N HIS A 180 -14.75 15.84 -22.15
CA HIS A 180 -14.99 14.88 -23.23
C HIS A 180 -14.62 13.46 -22.80
N GLU A 181 -15.45 12.51 -23.20
CA GLU A 181 -15.23 11.10 -22.88
C GLU A 181 -14.08 10.53 -23.70
N TRP A 182 -13.32 9.62 -23.09
CA TRP A 182 -12.22 8.97 -23.79
C TRP A 182 -11.94 7.58 -23.22
N PRO A 183 -11.88 6.58 -24.11
CA PRO A 183 -11.59 5.19 -23.73
C PRO A 183 -10.25 5.08 -23.01
N ILE A 184 -10.26 4.56 -21.79
CA ILE A 184 -9.06 4.49 -20.96
C ILE A 184 -8.07 3.44 -21.46
N ARG A 185 -8.55 2.49 -22.24
CA ARG A 185 -7.69 1.45 -22.81
C ARG A 185 -7.13 1.90 -24.16
N LYS A 186 -7.62 3.04 -24.64
CA LYS A 186 -7.13 3.62 -25.88
C LYS A 186 -6.29 4.86 -25.58
N PRO A 187 -4.97 4.76 -25.77
CA PRO A 187 -4.02 5.85 -25.49
C PRO A 187 -4.34 7.12 -26.26
N ARG A 188 -4.05 8.27 -25.67
CA ARG A 188 -4.30 9.55 -26.31
C ARG A 188 -3.22 9.86 -27.34
N PRO A 189 -3.64 10.20 -28.57
CA PRO A 189 -2.71 10.44 -29.70
C PRO A 189 -1.87 11.70 -29.52
N TYR A 190 -0.62 11.63 -29.99
CA TYR A 190 0.29 12.77 -29.95
C TYR A 190 0.90 12.98 -31.33
N LYS A 191 1.50 14.15 -31.54
CA LYS A 191 2.07 14.48 -32.84
C LYS A 191 3.33 13.65 -33.12
N GLU A 192 4.40 13.91 -32.38
CA GLU A 192 5.63 13.15 -32.52
C GLU A 192 6.31 12.93 -31.18
N LYS A 193 7.23 11.97 -31.15
CA LYS A 193 7.97 11.65 -29.93
C LYS A 193 9.24 12.48 -29.84
N LEU A 194 9.35 13.27 -28.77
CA LEU A 194 10.52 14.11 -28.57
C LEU A 194 11.61 13.37 -27.81
N ASP A 195 12.80 13.95 -27.77
CA ASP A 195 13.93 13.37 -27.05
C ASP A 195 14.02 13.94 -25.63
N TYR A 196 14.70 13.22 -24.76
CA TYR A 196 14.91 13.68 -23.39
C TYR A 196 15.78 14.92 -23.35
N ASN A 197 15.34 15.92 -22.59
CA ASN A 197 16.06 17.18 -22.50
C ASN A 197 16.29 17.63 -21.06
N TYR A 198 15.24 17.52 -20.25
CA TYR A 198 15.29 17.97 -18.87
C TYR A 198 15.10 16.81 -17.90
N PRO A 199 15.93 16.77 -16.83
CA PRO A 199 15.83 15.71 -15.82
C PRO A 199 14.56 15.83 -14.99
N PHE A 200 14.17 14.75 -14.33
CA PHE A 200 12.96 14.74 -13.51
C PHE A 200 13.29 14.92 -12.03
N ILE A 201 13.16 16.15 -11.56
CA ILE A 201 13.44 16.47 -10.16
C ILE A 201 12.36 15.89 -9.24
N THR A 202 12.79 15.09 -8.27
CA THR A 202 11.86 14.42 -7.37
C THR A 202 11.87 15.06 -5.97
N GLY A 203 12.96 15.71 -5.63
CA GLY A 203 13.11 16.31 -4.32
C GLY A 203 13.93 15.43 -3.39
N THR A 204 14.14 14.18 -3.80
CA THR A 204 14.95 13.25 -3.04
C THR A 204 16.39 13.27 -3.54
N ARG A 205 17.34 13.27 -2.61
CA ARG A 205 18.75 13.45 -2.96
C ARG A 205 19.42 12.21 -3.54
N VAL A 206 18.63 11.17 -3.82
CA VAL A 206 19.16 9.96 -4.41
C VAL A 206 18.53 9.70 -5.78
N LEU A 207 17.29 10.16 -5.95
CA LEU A 207 16.58 9.98 -7.20
C LEU A 207 16.81 11.16 -8.13
N ASP A 208 17.67 12.08 -7.70
CA ASP A 208 18.00 13.27 -8.47
C ASP A 208 19.48 13.29 -8.86
N ILE A 209 20.30 12.62 -8.06
CA ILE A 209 21.74 12.63 -8.28
C ILE A 209 22.28 11.25 -8.67
N MET A 210 22.13 10.29 -7.77
CA MET A 210 22.67 8.95 -7.97
C MET A 210 21.97 8.22 -9.12
N PHE A 211 20.64 8.17 -9.07
CA PHE A 211 19.87 7.51 -10.10
C PHE A 211 18.69 8.36 -10.57
N PRO A 212 18.98 9.42 -11.34
CA PRO A 212 17.91 10.31 -11.82
C PRO A 212 17.38 9.89 -13.18
N ILE A 213 16.14 10.28 -13.48
CA ILE A 213 15.54 10.02 -14.78
C ILE A 213 15.18 11.33 -15.46
N ALA A 214 14.75 11.25 -16.72
CA ALA A 214 14.33 12.43 -17.46
C ALA A 214 12.81 12.58 -17.41
N LYS A 215 12.33 13.77 -17.75
CA LYS A 215 10.89 14.02 -17.81
C LYS A 215 10.27 13.23 -18.96
N GLY A 216 9.20 12.52 -18.67
CA GLY A 216 8.57 11.65 -19.64
C GLY A 216 9.24 10.28 -19.65
N GLY A 217 9.97 10.00 -18.58
CA GLY A 217 10.66 8.72 -18.45
C GLY A 217 9.85 7.73 -17.64
N SER A 218 10.47 6.58 -17.37
CA SER A 218 9.81 5.54 -16.59
C SER A 218 10.77 4.91 -15.60
N ALA A 219 10.26 4.53 -14.43
CA ALA A 219 11.09 3.93 -13.40
C ALA A 219 10.36 2.80 -12.68
N ALA A 220 11.07 2.12 -11.79
CA ALA A 220 10.49 1.02 -11.04
C ALA A 220 11.01 1.00 -9.61
N VAL A 221 10.09 0.87 -8.65
CA VAL A 221 10.46 0.83 -7.24
C VAL A 221 10.00 -0.47 -6.59
N PRO A 222 10.79 -1.55 -6.77
CA PRO A 222 10.45 -2.86 -6.19
C PRO A 222 11.05 -3.02 -4.79
N GLY A 223 10.67 -4.10 -4.11
CA GLY A 223 11.18 -4.36 -2.78
C GLY A 223 10.15 -5.01 -1.88
N PRO A 224 10.60 -5.61 -0.78
CA PRO A 224 9.71 -6.27 0.19
C PRO A 224 8.96 -5.24 1.05
N PHE A 225 8.18 -5.72 2.01
CA PHE A 225 7.43 -4.83 2.89
C PHE A 225 8.35 -4.24 3.96
N GLY A 226 8.01 -3.05 4.43
CA GLY A 226 8.81 -2.35 5.42
C GLY A 226 9.94 -1.56 4.77
N SER A 227 10.01 -1.64 3.45
CA SER A 227 11.04 -0.94 2.70
C SER A 227 10.73 0.56 2.59
N GLY A 228 9.54 0.87 2.10
CA GLY A 228 9.11 2.24 1.97
C GLY A 228 8.65 2.60 0.58
N LYS A 229 8.00 1.65 -0.09
CA LYS A 229 7.49 1.87 -1.44
C LYS A 229 6.42 2.95 -1.46
N THR A 230 5.55 2.93 -0.45
CA THR A 230 4.48 3.91 -0.35
C THR A 230 5.02 5.27 0.09
N VAL A 231 5.88 5.24 1.10
CA VAL A 231 6.45 6.47 1.66
C VAL A 231 7.29 7.23 0.65
N LEU A 232 8.12 6.50 -0.10
CA LEU A 232 8.99 7.11 -1.11
C LEU A 232 8.18 7.70 -2.25
N ASN A 233 7.20 6.95 -2.75
CA ASN A 233 6.36 7.39 -3.85
C ASN A 233 5.50 8.60 -3.47
N GLN A 234 5.08 8.67 -2.21
CA GLN A 234 4.33 9.81 -1.73
C GLN A 234 5.21 11.05 -1.66
N GLN A 235 6.49 10.85 -1.37
CA GLN A 235 7.45 11.94 -1.38
C GLN A 235 7.65 12.45 -2.81
N ILE A 236 7.59 11.52 -3.77
CA ILE A 236 7.63 11.88 -5.18
C ILE A 236 6.32 12.59 -5.53
N ALA A 237 5.25 12.21 -4.85
CA ALA A 237 3.96 12.86 -5.03
C ALA A 237 3.90 14.19 -4.27
N LYS A 238 4.92 14.43 -3.45
CA LYS A 238 4.99 15.64 -2.64
C LYS A 238 5.81 16.75 -3.30
N TRP A 239 7.04 16.42 -3.69
CA TRP A 239 7.98 17.44 -4.11
C TRP A 239 8.54 17.22 -5.52
N ALA A 240 7.70 16.77 -6.44
CA ALA A 240 8.12 16.59 -7.83
C ALA A 240 8.00 17.90 -8.59
N ASP A 241 8.97 18.15 -9.48
CA ASP A 241 8.92 19.32 -10.35
C ASP A 241 7.93 19.04 -11.49
N SER A 242 6.64 19.01 -11.15
CA SER A 242 5.61 18.66 -12.11
C SER A 242 4.38 19.54 -11.95
N ASP A 243 3.66 19.76 -13.04
CA ASP A 243 2.44 20.56 -13.02
C ASP A 243 1.28 19.75 -12.50
N ILE A 244 1.24 18.47 -12.87
CA ILE A 244 0.17 17.58 -12.45
C ILE A 244 0.72 16.29 -11.84
N VAL A 245 0.29 15.99 -10.62
CA VAL A 245 0.74 14.79 -9.92
C VAL A 245 -0.42 13.81 -9.74
N ILE A 246 -0.21 12.56 -10.15
CA ILE A 246 -1.22 11.52 -10.00
C ILE A 246 -0.70 10.36 -9.16
N TYR A 247 -1.46 10.00 -8.13
CA TYR A 247 -1.08 8.89 -7.26
C TYR A 247 -2.14 7.79 -7.31
N ILE A 248 -1.77 6.63 -7.84
CA ILE A 248 -2.70 5.52 -7.99
C ILE A 248 -2.49 4.47 -6.90
N GLY A 249 -3.36 4.48 -5.89
CA GLY A 249 -3.31 3.49 -4.83
C GLY A 249 -3.93 2.18 -5.30
N CYS A 250 -3.14 1.38 -6.01
CA CYS A 250 -3.63 0.14 -6.60
C CYS A 250 -3.52 -1.04 -5.63
N GLY A 251 -4.64 -1.40 -5.01
CA GLY A 251 -4.71 -2.56 -4.15
C GLY A 251 -3.83 -2.48 -2.91
N GLU A 252 -3.81 -1.32 -2.27
CA GLU A 252 -3.01 -1.12 -1.06
C GLU A 252 -3.87 -0.69 0.13
N ARG A 253 -3.22 -0.16 1.15
CA ARG A 253 -3.91 0.25 2.37
C ARG A 253 -4.76 1.50 2.15
N GLY A 254 -5.97 1.48 2.69
CA GLY A 254 -6.88 2.60 2.58
C GLY A 254 -6.41 3.80 3.38
N ASN A 255 -5.67 3.52 4.44
CA ASN A 255 -5.12 4.58 5.29
C ASN A 255 -3.99 5.33 4.58
N GLU A 256 -3.34 4.65 3.65
CA GLU A 256 -2.27 5.26 2.86
C GLU A 256 -2.86 6.22 1.83
N MET A 257 -4.12 6.02 1.49
CA MET A 257 -4.84 6.92 0.59
C MET A 257 -5.44 8.09 1.39
N THR A 258 -5.82 7.79 2.62
CA THR A 258 -6.37 8.81 3.52
C THR A 258 -5.26 9.75 3.96
N GLU A 259 -4.03 9.23 4.00
CA GLU A 259 -2.86 10.01 4.38
C GLU A 259 -2.66 11.20 3.43
N VAL A 260 -2.96 10.97 2.16
CA VAL A 260 -2.83 12.01 1.14
C VAL A 260 -3.85 13.12 1.37
N LEU A 261 -5.05 12.74 1.80
CA LEU A 261 -6.13 13.69 2.01
C LEU A 261 -5.89 14.58 3.23
N GLU A 262 -5.06 14.11 4.16
CA GLU A 262 -4.85 14.80 5.42
C GLU A 262 -3.62 15.71 5.43
N GLU A 263 -2.54 15.28 4.80
CA GLU A 263 -1.25 15.96 4.93
C GLU A 263 -0.86 16.83 3.74
N PHE A 264 -1.63 16.78 2.67
CA PHE A 264 -1.30 17.55 1.47
C PHE A 264 -1.81 19.01 1.44
N PRO A 265 -3.08 19.24 1.84
CA PRO A 265 -3.52 20.65 1.87
C PRO A 265 -2.75 21.49 2.89
N LYS A 266 -2.10 20.85 3.84
CA LYS A 266 -1.31 21.55 4.85
C LYS A 266 0.02 22.01 4.29
N LEU A 267 0.66 21.16 3.51
CA LEU A 267 1.96 21.47 2.93
C LEU A 267 1.82 22.36 1.70
N LYS A 268 2.90 23.05 1.34
CA LYS A 268 2.87 24.00 0.23
C LYS A 268 3.88 23.61 -0.86
N ASP A 269 3.56 23.98 -2.10
CA ASP A 269 4.43 23.69 -3.24
C ASP A 269 5.63 24.62 -3.23
N PRO A 270 6.84 24.04 -3.28
CA PRO A 270 8.09 24.81 -3.33
C PRO A 270 8.31 25.53 -4.67
N LYS A 271 7.25 25.67 -5.45
CA LYS A 271 7.36 26.33 -6.75
C LYS A 271 6.25 27.35 -6.97
N THR A 272 5.10 27.13 -6.34
CA THR A 272 3.96 28.03 -6.49
C THR A 272 3.49 28.59 -5.15
N GLY A 273 3.77 27.86 -4.07
CA GLY A 273 3.35 28.26 -2.74
C GLY A 273 1.94 27.79 -2.44
N LYS A 274 1.31 27.18 -3.44
CA LYS A 274 -0.04 26.66 -3.30
C LYS A 274 0.00 25.26 -2.71
N PRO A 275 -1.08 24.84 -2.04
CA PRO A 275 -1.14 23.50 -1.45
C PRO A 275 -0.96 22.40 -2.49
N LEU A 276 -0.34 21.29 -2.08
CA LEU A 276 -0.01 20.19 -2.99
C LEU A 276 -1.27 19.52 -3.55
N MET A 277 -2.38 19.64 -2.85
CA MET A 277 -3.61 18.98 -3.23
C MET A 277 -4.20 19.53 -4.53
N TYR A 278 -3.94 20.80 -4.81
CA TYR A 278 -4.47 21.45 -6.00
C TYR A 278 -3.89 20.88 -7.29
N ARG A 279 -2.70 20.30 -7.20
CA ARG A 279 -2.06 19.68 -8.36
C ARG A 279 -2.03 18.17 -8.22
N THR A 280 -2.89 17.63 -7.36
CA THR A 280 -2.89 16.20 -7.07
C THR A 280 -4.24 15.55 -7.36
N ILE A 281 -4.21 14.47 -8.13
CA ILE A 281 -5.42 13.69 -8.43
C ILE A 281 -5.27 12.28 -7.90
N LEU A 282 -6.21 11.86 -7.06
CA LEU A 282 -6.13 10.55 -6.42
C LEU A 282 -7.01 9.49 -7.09
N ILE A 283 -6.44 8.31 -7.28
CA ILE A 283 -7.19 7.15 -7.76
C ILE A 283 -7.11 6.06 -6.69
N ALA A 284 -8.25 5.70 -6.13
CA ALA A 284 -8.28 4.80 -4.98
C ALA A 284 -9.08 3.52 -5.20
N ASN A 285 -8.38 2.44 -5.50
CA ASN A 285 -8.99 1.12 -5.51
C ASN A 285 -8.19 0.18 -4.61
N THR A 286 -8.52 0.20 -3.32
CA THR A 286 -7.74 -0.48 -2.31
C THR A 286 -7.76 -2.01 -2.44
N SER A 287 -7.05 -2.67 -1.54
CA SER A 287 -6.87 -4.12 -1.59
C SER A 287 -8.17 -4.89 -1.33
N ASN A 288 -9.05 -4.32 -0.51
CA ASN A 288 -10.32 -4.98 -0.21
C ASN A 288 -11.40 -4.63 -1.23
N MET A 289 -11.15 -3.59 -2.02
CA MET A 289 -12.05 -3.21 -3.10
C MET A 289 -11.92 -4.21 -4.25
N PRO A 290 -12.94 -4.27 -5.13
CA PRO A 290 -12.96 -5.19 -6.28
C PRO A 290 -11.63 -5.27 -7.03
N ILE A 291 -11.18 -6.50 -7.28
CA ILE A 291 -9.88 -6.75 -7.86
C ILE A 291 -9.81 -6.39 -9.35
N ALA A 292 -10.97 -6.39 -10.01
CA ALA A 292 -11.04 -6.08 -11.44
C ALA A 292 -10.82 -4.59 -11.68
N ALA A 293 -11.12 -3.77 -10.68
CA ALA A 293 -10.97 -2.33 -10.79
C ALA A 293 -9.52 -1.89 -10.59
N ARG A 294 -8.67 -2.84 -10.22
CA ARG A 294 -7.24 -2.57 -10.10
C ARG A 294 -6.65 -2.26 -11.47
N GLU A 295 -7.08 -3.03 -12.47
CA GLU A 295 -6.63 -2.83 -13.84
C GLU A 295 -7.17 -1.51 -14.38
N ALA A 296 -8.46 -1.25 -14.13
CA ALA A 296 -9.10 -0.03 -14.59
C ALA A 296 -8.44 1.21 -13.98
N SER A 297 -8.04 1.09 -12.73
CA SER A 297 -7.37 2.19 -12.01
C SER A 297 -6.05 2.55 -12.68
N ILE A 298 -5.37 1.56 -13.22
CA ILE A 298 -4.12 1.77 -13.92
C ILE A 298 -4.35 2.48 -15.25
N TYR A 299 -5.33 2.01 -16.01
CA TYR A 299 -5.67 2.60 -17.30
C TYR A 299 -6.35 3.96 -17.13
N LEU A 300 -6.91 4.19 -15.95
CA LEU A 300 -7.59 5.45 -15.67
C LEU A 300 -6.59 6.59 -15.49
N GLY A 301 -5.74 6.45 -14.48
CA GLY A 301 -4.75 7.48 -14.15
C GLY A 301 -3.78 7.75 -15.29
N ALA A 302 -3.51 6.72 -16.10
CA ALA A 302 -2.64 6.86 -17.25
C ALA A 302 -3.30 7.74 -18.31
N THR A 303 -4.61 7.56 -18.48
CA THR A 303 -5.38 8.33 -19.45
C THR A 303 -5.53 9.77 -19.00
N ILE A 304 -5.87 9.97 -17.74
CA ILE A 304 -5.99 11.30 -17.16
C ILE A 304 -4.64 12.00 -17.20
N GLY A 305 -3.57 11.23 -17.01
CA GLY A 305 -2.22 11.75 -17.09
C GLY A 305 -1.89 12.23 -18.48
N GLU A 306 -2.39 11.51 -19.48
CA GLU A 306 -2.19 11.88 -20.88
C GLU A 306 -3.06 13.08 -21.26
N TYR A 307 -4.17 13.25 -20.53
CA TYR A 307 -5.07 14.37 -20.77
C TYR A 307 -4.41 15.71 -20.44
N PHE A 308 -3.78 15.78 -19.28
CA PHE A 308 -3.05 16.98 -18.88
C PHE A 308 -1.75 17.09 -19.65
N ARG A 309 -1.29 15.98 -20.20
CA ARG A 309 -0.11 15.96 -21.04
C ARG A 309 -0.42 16.63 -22.39
N ASP A 310 -1.59 16.33 -22.93
CA ASP A 310 -2.02 16.91 -24.20
C ASP A 310 -2.28 18.40 -24.08
N GLN A 311 -2.55 18.86 -22.86
CA GLN A 311 -2.74 20.28 -22.61
C GLN A 311 -1.42 21.02 -22.76
N GLY A 312 -0.33 20.35 -22.38
CA GLY A 312 0.99 20.93 -22.47
C GLY A 312 1.59 21.20 -21.10
N TYR A 313 1.58 20.19 -20.24
CA TYR A 313 2.11 20.32 -18.88
C TYR A 313 3.02 19.16 -18.51
N SER A 314 3.55 19.20 -17.30
CA SER A 314 4.38 18.13 -16.78
C SER A 314 3.57 17.22 -15.88
N VAL A 315 3.42 15.96 -16.27
CA VAL A 315 2.58 15.02 -15.53
C VAL A 315 3.38 13.84 -14.97
N VAL A 316 3.17 13.54 -13.70
CA VAL A 316 3.79 12.39 -13.06
C VAL A 316 2.74 11.47 -12.45
N VAL A 317 2.85 10.18 -12.74
CA VAL A 317 1.90 9.20 -12.22
C VAL A 317 2.59 8.13 -11.37
N ASN A 318 2.16 8.02 -10.12
CA ASN A 318 2.70 7.03 -9.21
C ASN A 318 1.73 5.88 -8.96
N ALA A 319 2.05 4.71 -9.50
CA ALA A 319 1.21 3.54 -9.34
C ALA A 319 1.76 2.63 -8.23
N ASP A 320 1.04 2.53 -7.13
CA ASP A 320 1.47 1.74 -6.00
C ASP A 320 0.35 0.82 -5.50
N SER A 321 0.49 -0.48 -5.75
CA SER A 321 1.63 -1.01 -6.49
C SER A 321 1.16 -1.82 -7.71
N THR A 322 2.06 -2.01 -8.66
CA THR A 322 1.73 -2.73 -9.89
C THR A 322 1.61 -4.23 -9.65
N SER A 323 2.11 -4.69 -8.51
CA SER A 323 2.05 -6.11 -8.17
C SER A 323 0.62 -6.56 -7.88
N ARG A 324 -0.23 -5.62 -7.49
CA ARG A 324 -1.63 -5.92 -7.24
C ARG A 324 -2.39 -5.95 -8.55
N TRP A 325 -1.93 -5.15 -9.51
CA TRP A 325 -2.47 -5.16 -10.86
C TRP A 325 -2.15 -6.49 -11.53
N ALA A 326 -0.91 -6.95 -11.34
CA ALA A 326 -0.47 -8.22 -11.91
C ALA A 326 -1.23 -9.38 -11.29
N GLU A 327 -1.57 -9.23 -10.00
CA GLU A 327 -2.36 -10.23 -9.29
C GLU A 327 -3.78 -10.28 -9.87
N ALA A 328 -4.29 -9.11 -10.24
CA ALA A 328 -5.62 -9.01 -10.83
C ALA A 328 -5.67 -9.72 -12.16
N LEU A 329 -4.64 -9.50 -12.98
CA LEU A 329 -4.51 -10.17 -14.26
C LEU A 329 -4.37 -11.67 -14.06
N ARG A 330 -3.65 -12.06 -13.03
CA ARG A 330 -3.48 -13.47 -12.67
C ARG A 330 -4.82 -14.09 -12.29
N GLU A 331 -5.60 -13.35 -11.49
CA GLU A 331 -6.90 -13.82 -11.03
C GLU A 331 -7.88 -14.00 -12.18
N ILE A 332 -7.96 -13.00 -13.05
CA ILE A 332 -8.87 -13.03 -14.19
C ILE A 332 -8.50 -14.14 -15.17
N SER A 333 -7.21 -14.26 -15.47
CA SER A 333 -6.73 -15.28 -16.39
C SER A 333 -6.87 -16.69 -15.82
N SER A 334 -7.00 -16.78 -14.49
CA SER A 334 -7.18 -18.07 -13.84
C SER A 334 -8.64 -18.50 -13.89
N ARG A 335 -9.54 -17.54 -13.79
CA ARG A 335 -10.98 -17.82 -13.83
C ARG A 335 -11.41 -18.21 -15.24
N LEU A 336 -10.73 -17.68 -16.24
CA LEU A 336 -11.06 -17.94 -17.63
C LEU A 336 -10.69 -19.35 -18.07
N GLY A 337 -9.90 -20.04 -17.26
CA GLY A 337 -9.48 -21.40 -17.56
C GLY A 337 -8.39 -21.43 -18.61
N GLU A 338 -7.40 -20.56 -18.44
CA GLU A 338 -6.27 -20.49 -19.37
C GLU A 338 -5.01 -21.03 -18.72
N ILE A 339 -4.08 -21.51 -19.54
CA ILE A 339 -2.83 -22.06 -19.04
C ILE A 339 -1.97 -20.99 -18.37
N PRO A 340 -1.59 -21.22 -17.10
CA PRO A 340 -0.71 -20.30 -16.38
C PRO A 340 0.70 -20.30 -16.96
N SER A 341 1.43 -19.22 -16.77
CA SER A 341 2.81 -19.14 -17.23
C SER A 341 3.78 -19.29 -16.06
N GLU A 342 4.65 -18.30 -15.89
CA GLU A 342 5.63 -18.33 -14.81
C GLU A 342 5.05 -17.77 -13.51
N GLU A 343 5.24 -18.51 -12.43
CA GLU A 343 4.78 -18.13 -11.10
C GLU A 343 3.27 -17.90 -11.02
N GLY A 344 2.52 -18.56 -11.91
CA GLY A 344 1.07 -18.48 -11.89
C GLY A 344 0.50 -17.35 -12.73
N TYR A 345 1.35 -16.37 -13.05
CA TYR A 345 0.94 -15.23 -13.85
C TYR A 345 0.59 -15.67 -15.27
N PRO A 346 -0.27 -14.89 -15.95
CA PRO A 346 -0.58 -15.18 -17.36
C PRO A 346 0.62 -14.93 -18.26
N ALA A 347 0.60 -15.48 -19.46
CA ALA A 347 1.72 -15.37 -20.39
C ALA A 347 1.89 -13.95 -20.92
N TYR A 348 0.78 -13.23 -21.04
CA TYR A 348 0.81 -11.87 -21.57
C TYR A 348 0.96 -10.82 -20.47
N LEU A 349 1.77 -11.13 -19.46
CA LEU A 349 2.04 -10.20 -18.38
C LEU A 349 2.87 -9.02 -18.86
N LEU A 350 3.95 -9.34 -19.59
CA LEU A 350 4.85 -8.32 -20.12
C LEU A 350 4.13 -7.40 -21.10
N ARG A 351 3.22 -7.97 -21.87
CA ARG A 351 2.46 -7.20 -22.85
C ARG A 351 1.49 -6.24 -22.18
N LYS A 352 0.78 -6.71 -21.16
CA LYS A 352 -0.16 -5.88 -20.42
C LYS A 352 0.56 -4.77 -19.66
N LEU A 353 1.72 -5.10 -19.10
CA LEU A 353 2.54 -4.12 -18.41
C LEU A 353 3.07 -3.09 -19.41
N ALA A 354 3.27 -3.52 -20.65
CA ALA A 354 3.76 -2.63 -21.69
C ALA A 354 2.66 -1.67 -22.15
N GLU A 355 1.41 -2.02 -21.88
CA GLU A 355 0.28 -1.17 -22.25
C GLU A 355 0.14 0.01 -21.30
N PHE A 356 0.98 0.04 -20.28
CA PHE A 356 0.94 1.10 -19.28
C PHE A 356 2.23 1.91 -19.26
N TYR A 357 3.37 1.21 -19.25
CA TYR A 357 4.67 1.87 -19.18
C TYR A 357 5.06 2.57 -20.48
N GLU A 358 4.43 2.20 -21.57
CA GLU A 358 4.74 2.80 -22.88
C GLU A 358 3.96 4.09 -23.10
N ARG A 359 2.99 4.35 -22.25
CA ARG A 359 2.21 5.59 -22.34
C ARG A 359 3.07 6.79 -21.92
N SER A 360 4.11 6.50 -21.14
CA SER A 360 5.06 7.53 -20.72
C SER A 360 5.89 8.01 -21.90
N GLY A 361 6.26 9.29 -21.89
CA GLY A 361 7.07 9.84 -22.96
C GLY A 361 6.90 11.34 -23.16
N ARG A 362 8.01 12.06 -23.22
CA ARG A 362 7.99 13.48 -23.55
C ARG A 362 7.67 13.62 -25.03
N VAL A 363 6.43 13.96 -25.33
CA VAL A 363 5.96 14.00 -26.72
C VAL A 363 5.48 15.37 -27.15
N ARG A 364 5.35 15.55 -28.46
CA ARG A 364 4.78 16.76 -29.03
C ARG A 364 3.27 16.61 -29.07
N THR A 365 2.56 17.52 -28.42
CA THR A 365 1.10 17.46 -28.37
C THR A 365 0.49 17.76 -29.73
N LEU A 366 -0.84 17.62 -29.82
CA LEU A 366 -1.54 17.86 -31.08
C LEU A 366 -1.67 19.35 -31.38
N ASN A 367 -1.18 20.18 -30.47
CA ASN A 367 -1.19 21.63 -30.66
C ASN A 367 0.22 22.23 -30.64
N ASP A 368 1.19 21.42 -31.05
CA ASP A 368 2.59 21.84 -31.14
C ASP A 368 3.17 22.33 -29.81
N LEU A 369 2.79 21.69 -28.72
CA LEU A 369 3.34 22.01 -27.41
C LEU A 369 4.16 20.84 -26.86
N GLU A 370 4.87 21.09 -25.76
CA GLU A 370 5.72 20.07 -25.16
C GLU A 370 5.11 19.51 -23.88
N GLY A 371 4.56 18.30 -23.98
CA GLY A 371 4.00 17.61 -22.82
C GLY A 371 4.96 16.58 -22.29
N SER A 372 4.70 16.08 -21.08
CA SER A 372 5.57 15.09 -20.46
C SER A 372 4.83 14.23 -19.43
N LEU A 373 4.83 12.92 -19.66
CA LEU A 373 4.22 11.99 -18.73
C LEU A 373 5.27 11.05 -18.14
N THR A 374 5.64 11.29 -16.89
CA THR A 374 6.61 10.45 -16.20
C THR A 374 5.90 9.42 -15.34
N ILE A 375 6.19 8.14 -15.59
CA ILE A 375 5.51 7.07 -14.88
C ILE A 375 6.43 6.34 -13.90
N ILE A 376 6.01 6.30 -12.64
CA ILE A 376 6.75 5.59 -11.60
C ILE A 376 5.92 4.44 -11.05
N GLY A 377 6.34 3.21 -11.38
CA GLY A 377 5.60 2.03 -10.95
C GLY A 377 6.23 1.34 -9.75
N ALA A 378 5.38 0.87 -8.84
CA ALA A 378 5.84 0.17 -7.65
C ALA A 378 5.58 -1.32 -7.76
N VAL A 379 6.58 -2.12 -7.37
CA VAL A 379 6.48 -3.56 -7.44
C VAL A 379 6.67 -4.18 -6.05
N SER A 380 5.87 -5.19 -5.73
CA SER A 380 5.96 -5.86 -4.44
C SER A 380 6.26 -7.36 -4.60
N PRO A 381 7.55 -7.70 -4.78
CA PRO A 381 7.96 -9.10 -4.94
C PRO A 381 7.90 -9.87 -3.62
N PRO A 382 7.46 -11.12 -3.67
CA PRO A 382 7.34 -11.98 -2.48
C PRO A 382 8.68 -12.29 -1.84
N GLY A 383 8.88 -11.84 -0.61
CA GLY A 383 10.10 -12.12 0.13
C GLY A 383 11.29 -11.27 -0.28
N GLY A 384 11.02 -10.20 -1.01
CA GLY A 384 12.08 -9.32 -1.48
C GLY A 384 12.96 -10.00 -2.52
N ASP A 385 12.33 -10.84 -3.34
CA ASP A 385 13.06 -11.56 -4.38
C ASP A 385 12.84 -10.88 -5.74
N PHE A 386 13.84 -10.13 -6.18
CA PHE A 386 13.73 -9.39 -7.44
C PHE A 386 13.69 -10.31 -8.66
N SER A 387 14.11 -11.55 -8.47
CA SER A 387 14.06 -12.53 -9.55
C SER A 387 12.66 -13.11 -9.71
N GLU A 388 11.72 -12.26 -10.09
CA GLU A 388 10.33 -12.66 -10.26
C GLU A 388 9.74 -11.96 -11.47
N PRO A 389 8.75 -12.59 -12.14
CA PRO A 389 8.13 -12.09 -13.37
C PRO A 389 7.78 -10.60 -13.36
N VAL A 390 6.95 -10.18 -12.40
CA VAL A 390 6.49 -8.79 -12.33
C VAL A 390 7.65 -7.79 -12.28
N THR A 391 8.69 -8.14 -11.54
CA THR A 391 9.86 -7.28 -11.42
C THR A 391 10.74 -7.35 -12.67
N GLN A 392 11.06 -8.56 -13.09
CA GLN A 392 11.97 -8.77 -14.22
C GLN A 392 11.40 -8.30 -15.55
N ASN A 393 10.07 -8.35 -15.69
CA ASN A 393 9.43 -7.85 -16.90
C ASN A 393 9.41 -6.32 -16.93
N THR A 394 9.25 -5.72 -15.76
CA THR A 394 9.22 -4.27 -15.63
C THR A 394 10.62 -3.69 -15.88
N LEU A 395 11.65 -4.44 -15.48
CA LEU A 395 13.03 -4.01 -15.66
C LEU A 395 13.42 -3.88 -17.13
N ARG A 396 12.70 -4.59 -18.00
CA ARG A 396 12.95 -4.55 -19.43
C ARG A 396 11.99 -3.60 -20.14
N LEU A 397 11.40 -2.69 -19.37
CA LEU A 397 10.47 -1.71 -19.94
C LEU A 397 10.79 -0.30 -19.44
N VAL A 398 11.33 -0.21 -18.23
CA VAL A 398 11.63 1.09 -17.64
C VAL A 398 13.02 1.58 -18.03
N GLY A 399 13.35 2.79 -17.59
CA GLY A 399 14.64 3.39 -17.91
C GLY A 399 15.57 3.45 -16.70
N ALA A 400 15.05 3.06 -15.54
CA ALA A 400 15.85 3.07 -14.32
C ALA A 400 15.28 2.15 -13.25
N LEU A 401 16.14 1.75 -12.32
CA LEU A 401 15.73 0.90 -11.20
C LEU A 401 15.96 1.61 -9.88
N TRP A 402 14.91 1.71 -9.06
CA TRP A 402 15.02 2.30 -7.74
C TRP A 402 14.71 1.25 -6.68
N ALA A 403 15.54 0.21 -6.64
CA ALA A 403 15.31 -0.93 -5.76
C ALA A 403 15.47 -0.57 -4.28
N LEU A 404 14.62 -1.15 -3.45
CA LEU A 404 14.69 -0.94 -2.01
C LEU A 404 15.27 -2.17 -1.32
N ASP A 405 16.42 -1.99 -0.65
CA ASP A 405 17.13 -3.10 -0.04
C ASP A 405 16.65 -3.38 1.39
N SER A 406 16.67 -4.65 1.77
CA SER A 406 16.20 -5.05 3.09
C SER A 406 17.21 -4.72 4.19
N LYS A 407 18.49 -4.90 3.87
CA LYS A 407 19.57 -4.66 4.84
C LYS A 407 19.61 -3.19 5.26
N LEU A 408 19.34 -2.29 4.33
CA LEU A 408 19.29 -0.86 4.63
C LEU A 408 18.04 -0.53 5.43
N ALA A 409 16.94 -1.19 5.09
CA ALA A 409 15.68 -0.99 5.81
C ALA A 409 15.73 -1.66 7.17
N TYR A 410 16.70 -2.56 7.35
CA TYR A 410 16.88 -3.28 8.61
C TYR A 410 17.48 -2.38 9.69
N LYS A 411 18.50 -1.61 9.31
CA LYS A 411 19.16 -0.71 10.24
C LYS A 411 18.54 0.69 10.17
N ARG A 412 17.32 0.76 9.64
CA ARG A 412 16.59 2.03 9.51
C ARG A 412 17.34 3.08 8.70
N HIS A 413 17.83 2.67 7.53
CA HIS A 413 18.50 3.59 6.61
C HIS A 413 17.52 3.97 5.50
N TYR A 414 16.73 5.01 5.73
CA TYR A 414 15.71 5.43 4.77
C TYR A 414 16.12 6.72 4.04
N PRO A 415 15.86 6.77 2.73
CA PRO A 415 15.26 5.71 1.90
C PRO A 415 16.25 4.58 1.62
N ALA A 416 15.77 3.34 1.69
CA ALA A 416 16.63 2.17 1.55
C ALA A 416 16.96 1.84 0.11
N ILE A 417 17.33 2.85 -0.68
CA ILE A 417 17.71 2.65 -2.07
C ILE A 417 19.05 1.94 -2.15
N ASN A 418 19.05 0.71 -2.66
CA ASN A 418 20.28 -0.05 -2.83
C ASN A 418 21.17 0.58 -3.90
N TYR A 419 22.16 1.34 -3.46
CA TYR A 419 23.04 2.08 -4.37
C TYR A 419 24.09 1.19 -5.03
N LEU A 420 23.72 -0.03 -5.36
CA LEU A 420 24.63 -0.97 -6.02
C LEU A 420 23.96 -1.63 -7.21
N ILE A 421 22.76 -2.18 -6.98
CA ILE A 421 22.01 -2.85 -8.03
C ILE A 421 21.16 -1.86 -8.81
N SER A 422 20.71 -0.81 -8.12
CA SER A 422 19.92 0.25 -8.75
C SER A 422 20.71 0.92 -9.88
N TYR A 423 20.00 1.42 -10.88
CA TYR A 423 20.65 2.02 -12.03
C TYR A 423 19.81 3.12 -12.69
N THR A 424 20.30 3.62 -13.82
CA THR A 424 19.56 4.59 -14.63
C THR A 424 20.09 4.61 -16.06
N LYS A 425 19.21 4.33 -17.02
CA LYS A 425 19.61 4.28 -18.42
C LYS A 425 19.30 5.59 -19.12
N GLN A 426 19.06 6.64 -18.33
CA GLN A 426 18.73 7.94 -18.88
C GLN A 426 19.66 9.02 -18.33
N TRP A 427 20.82 8.61 -17.85
CA TRP A 427 21.80 9.55 -17.30
C TRP A 427 22.46 10.39 -18.38
N GLU A 428 22.74 9.77 -19.52
CA GLU A 428 23.40 10.45 -20.63
C GLU A 428 22.47 11.48 -21.28
N PHE A 429 21.19 11.42 -20.91
CA PHE A 429 20.21 12.37 -21.41
C PHE A 429 20.05 13.55 -20.45
N VAL A 430 20.43 13.35 -19.19
CA VAL A 430 20.23 14.36 -18.17
C VAL A 430 21.54 14.91 -17.61
N LYS A 431 22.67 14.40 -18.11
CA LYS A 431 23.97 14.82 -17.63
C LYS A 431 24.30 16.25 -18.09
N LYS A 432 23.60 16.69 -19.14
CA LYS A 432 23.84 18.01 -19.70
C LYS A 432 23.32 19.12 -18.79
N TYR A 433 22.23 18.84 -18.10
CA TYR A 433 21.62 19.80 -17.19
C TYR A 433 22.55 20.14 -16.02
N PHE A 434 22.94 19.11 -15.28
CA PHE A 434 23.75 19.28 -14.08
C PHE A 434 25.12 19.85 -14.39
N GLU A 435 25.70 19.43 -15.51
CA GLU A 435 27.03 19.90 -15.90
C GLU A 435 27.02 21.38 -16.30
N GLU A 436 25.92 21.82 -16.90
CA GLU A 436 25.81 23.19 -17.36
C GLU A 436 25.56 24.19 -16.22
N LEU A 437 24.75 23.77 -15.24
CA LEU A 437 24.36 24.66 -14.15
C LEU A 437 25.14 24.38 -12.87
N TYR A 438 26.03 23.41 -12.93
CA TYR A 438 26.88 23.05 -11.79
C TYR A 438 28.05 22.20 -12.26
N GLU A 439 29.13 22.88 -12.64
CA GLU A 439 30.30 22.24 -13.28
C GLU A 439 30.77 20.96 -12.61
N ASP A 440 31.11 21.04 -11.32
CA ASP A 440 31.63 19.88 -10.61
C ASP A 440 30.55 19.10 -9.86
N VAL A 441 29.82 18.26 -10.58
CA VAL A 441 28.86 17.36 -9.97
C VAL A 441 29.06 15.93 -10.46
N ILE A 442 29.44 15.79 -11.72
CA ILE A 442 29.76 14.49 -12.29
C ILE A 442 31.14 14.07 -11.80
N GLU A 443 31.94 15.08 -11.44
CA GLU A 443 33.24 14.85 -10.83
C GLU A 443 33.07 14.19 -9.47
N ILE A 444 32.03 14.61 -8.75
CA ILE A 444 31.77 14.12 -7.40
C ILE A 444 30.83 12.92 -7.41
N ARG A 445 29.99 12.83 -8.44
CA ARG A 445 29.06 11.72 -8.58
C ARG A 445 29.82 10.40 -8.69
N GLU A 446 30.84 10.38 -9.55
CA GLU A 446 31.69 9.21 -9.69
C GLU A 446 32.44 8.94 -8.40
N GLU A 447 32.80 10.01 -7.70
CA GLU A 447 33.50 9.90 -6.42
C GLU A 447 32.60 9.27 -5.36
N PHE A 448 31.34 9.70 -5.33
CA PHE A 448 30.37 9.15 -4.39
C PHE A 448 30.11 7.68 -4.67
N PHE A 449 29.98 7.33 -5.94
CA PHE A 449 29.79 5.94 -6.34
C PHE A 449 31.02 5.10 -5.99
N ALA A 450 32.20 5.69 -6.13
CA ALA A 450 33.46 5.00 -5.84
C ALA A 450 33.62 4.70 -4.36
N ILE A 451 33.27 5.68 -3.52
CA ILE A 451 33.35 5.52 -2.07
C ILE A 451 32.37 4.45 -1.60
N LEU A 452 31.14 4.49 -2.13
CA LEU A 452 30.13 3.52 -1.77
C LEU A 452 30.46 2.13 -2.30
N LYS A 453 31.21 2.08 -3.39
CA LYS A 453 31.59 0.81 -4.01
C LYS A 453 32.66 0.09 -3.20
N ARG A 454 33.75 0.79 -2.90
CA ARG A 454 34.86 0.19 -2.17
C ARG A 454 34.48 -0.11 -0.71
N GLU A 455 33.57 0.69 -0.17
CA GLU A 455 33.08 0.46 1.19
C GLU A 455 32.33 -0.86 1.25
N SER A 456 31.65 -1.20 0.15
CA SER A 456 30.98 -2.49 0.04
C SER A 456 32.00 -3.60 -0.13
N GLU A 457 33.10 -3.28 -0.81
CA GLU A 457 34.19 -4.23 -1.00
C GLU A 457 34.91 -4.48 0.32
N LEU A 458 35.13 -3.42 1.08
CA LEU A 458 35.81 -3.51 2.36
C LEU A 458 34.89 -4.10 3.44
N MET A 459 33.60 -4.16 3.13
CA MET A 459 32.61 -4.66 4.09
C MET A 459 32.65 -6.18 4.20
N ASP A 460 33.19 -6.84 3.18
CA ASP A 460 33.39 -8.28 3.22
C ASP A 460 34.68 -8.56 3.97
N ILE A 461 35.46 -7.51 4.17
CA ILE A 461 36.76 -7.61 4.80
C ILE A 461 36.65 -7.29 6.29
N VAL A 462 35.61 -6.53 6.63
CA VAL A 462 35.40 -6.10 8.01
C VAL A 462 35.03 -7.25 8.94
N SER A 463 34.73 -8.41 8.36
CA SER A 463 34.41 -9.60 9.14
C SER A 463 35.67 -10.32 9.62
N ILE A 464 36.68 -9.54 10.00
CA ILE A 464 37.94 -10.08 10.49
C ILE A 464 38.63 -9.11 11.43
N VAL A 465 38.44 -7.82 11.18
CA VAL A 465 39.04 -6.78 12.00
C VAL A 465 39.54 -5.61 11.19
N ALA A 469 42.87 -3.07 12.14
CA ALA A 469 43.69 -4.03 11.42
C ALA A 469 43.64 -3.78 9.91
N LEU A 470 43.39 -2.52 9.55
CA LEU A 470 43.32 -2.15 8.15
C LEU A 470 44.21 -0.93 7.88
N SER A 471 44.55 -0.72 6.63
CA SER A 471 45.38 0.42 6.24
C SER A 471 44.62 1.72 6.39
N ASP A 472 45.34 2.80 6.65
CA ASP A 472 44.74 4.11 6.82
C ASP A 472 44.11 4.62 5.51
N ASN A 473 44.63 4.13 4.39
CA ASN A 473 44.08 4.46 3.08
C ASN A 473 42.81 3.66 2.80
N GLU A 474 42.51 2.71 3.68
CA GLU A 474 41.30 1.90 3.56
C GLU A 474 40.25 2.37 4.55
N LYS A 475 40.71 2.88 5.69
CA LYS A 475 39.80 3.35 6.74
C LYS A 475 39.10 4.65 6.34
N ILE A 476 39.67 5.35 5.35
CA ILE A 476 39.11 6.62 4.91
C ILE A 476 37.77 6.43 4.20
N TYR A 477 37.62 5.32 3.48
CA TYR A 477 36.39 5.03 2.77
C TYR A 477 35.28 4.61 3.73
N LEU A 478 35.67 3.97 4.83
CA LEU A 478 34.72 3.59 5.87
C LEU A 478 34.21 4.84 6.58
N HIS A 479 35.05 5.87 6.60
CA HIS A 479 34.70 7.14 7.24
C HIS A 479 33.83 7.99 6.31
N MET A 480 34.30 8.20 5.08
CA MET A 480 33.58 9.00 4.11
C MET A 480 32.26 8.34 3.71
N GLY A 481 32.23 7.01 3.75
CA GLY A 481 31.03 6.26 3.43
C GLY A 481 29.92 6.51 4.43
N ARG A 482 30.30 6.68 5.69
CA ARG A 482 29.33 7.00 6.74
C ARG A 482 28.76 8.40 6.55
N ILE A 483 29.59 9.31 6.05
CA ILE A 483 29.17 10.69 5.82
C ILE A 483 28.19 10.77 4.66
N ILE A 484 28.47 10.04 3.59
CA ILE A 484 27.62 10.03 2.42
C ILE A 484 26.26 9.40 2.73
N ARG A 485 26.28 8.26 3.41
CA ARG A 485 25.05 7.54 3.73
C ARG A 485 24.13 8.36 4.64
N GLU A 486 24.65 8.80 5.77
CA GLU A 486 23.84 9.52 6.75
C GLU A 486 23.57 10.97 6.35
N GLY A 487 24.53 11.59 5.69
CA GLY A 487 24.44 13.01 5.39
C GLY A 487 24.08 13.37 3.96
N PHE A 488 23.68 12.38 3.19
CA PHE A 488 23.27 12.63 1.80
C PHE A 488 22.24 11.62 1.31
N LEU A 489 22.53 10.33 1.51
CA LEU A 489 21.62 9.27 1.09
C LEU A 489 20.40 9.19 1.99
N GLN A 490 20.62 9.21 3.31
CA GLN A 490 19.52 9.22 4.26
C GLN A 490 18.76 10.53 4.16
N GLN A 491 17.43 10.44 4.20
CA GLN A 491 16.58 11.61 4.09
C GLN A 491 15.25 11.38 4.79
N ASP A 492 15.12 11.94 5.99
CA ASP A 492 13.91 11.79 6.79
C ASP A 492 12.72 12.42 6.08
N ALA A 493 11.75 11.58 5.72
CA ALA A 493 10.57 12.04 5.01
C ALA A 493 9.56 12.69 5.94
N PHE A 494 9.78 12.55 7.24
CA PHE A 494 8.87 13.11 8.23
C PHE A 494 9.44 14.37 8.90
N ASP A 495 10.70 14.66 8.62
CA ASP A 495 11.31 15.89 9.12
C ASP A 495 10.76 17.08 8.34
N GLU A 496 10.48 18.17 9.05
CA GLU A 496 9.85 19.33 8.45
C GLU A 496 10.72 20.01 7.39
N ASN A 497 12.03 19.91 7.58
CA ASN A 497 12.98 20.60 6.70
C ASN A 497 13.89 19.66 5.91
N ASP A 498 13.76 18.37 6.14
CA ASP A 498 14.57 17.38 5.42
C ASP A 498 13.73 16.58 4.43
N SER A 499 12.41 16.68 4.56
CA SER A 499 11.49 16.01 3.64
C SER A 499 11.73 16.44 2.20
N TYR A 500 11.75 17.75 2.00
CA TYR A 500 12.06 18.32 0.69
C TYR A 500 13.48 18.87 0.66
N SER A 501 14.21 18.55 -0.41
CA SER A 501 15.57 19.05 -0.56
C SER A 501 15.77 19.62 -1.96
N PRO A 502 15.85 20.96 -2.06
CA PRO A 502 16.11 21.61 -3.34
C PRO A 502 17.51 21.31 -3.84
N LEU A 503 17.75 21.53 -5.12
CA LEU A 503 19.07 21.25 -5.71
C LEU A 503 20.14 22.16 -5.11
N GLU A 504 19.73 23.32 -4.62
CA GLU A 504 20.65 24.24 -3.95
C GLU A 504 21.20 23.61 -2.67
N LYS A 505 20.34 22.86 -1.97
CA LYS A 505 20.74 22.18 -0.74
C LYS A 505 21.49 20.89 -1.06
N THR A 506 21.03 20.18 -2.10
CA THR A 506 21.61 18.90 -2.47
C THR A 506 23.04 19.04 -2.99
N ILE A 507 23.24 19.96 -3.93
CA ILE A 507 24.57 20.18 -4.52
C ILE A 507 25.57 20.71 -3.48
N GLU A 508 25.08 21.56 -2.58
CA GLU A 508 25.93 22.08 -1.50
C GLU A 508 26.37 20.96 -0.57
N LEU A 509 25.55 19.93 -0.42
CA LEU A 509 25.92 18.75 0.34
C LEU A 509 26.97 17.95 -0.44
N MET A 510 26.88 17.98 -1.76
CA MET A 510 27.86 17.34 -2.61
C MET A 510 29.16 18.13 -2.63
N ARG A 511 29.05 19.44 -2.43
CA ARG A 511 30.22 20.31 -2.39
C ARG A 511 30.93 20.25 -1.05
N ILE A 512 30.16 20.18 0.03
CA ILE A 512 30.73 20.20 1.37
C ILE A 512 31.44 18.88 1.72
N ILE A 513 31.00 17.79 1.09
CA ILE A 513 31.64 16.49 1.30
C ILE A 513 32.90 16.40 0.43
N HIS A 514 32.80 16.92 -0.79
CA HIS A 514 33.95 16.96 -1.70
C HIS A 514 35.04 17.85 -1.13
N LYS A 515 34.65 18.96 -0.52
CA LYS A 515 35.60 19.85 0.13
C LYS A 515 36.20 19.19 1.37
N TYR A 516 35.42 18.29 1.97
CA TYR A 516 35.88 17.55 3.14
C TYR A 516 36.80 16.40 2.73
N TYR A 517 36.51 15.80 1.58
CA TYR A 517 37.28 14.66 1.09
C TYR A 517 38.69 15.07 0.68
N VAL A 518 38.80 16.20 0.01
CA VAL A 518 40.10 16.69 -0.46
C VAL A 518 40.98 17.16 0.68
N THR A 519 40.39 17.34 1.86
CA THR A 519 41.13 17.77 3.04
C THR A 519 41.72 16.57 3.78
N VAL A 520 40.93 15.52 3.92
CA VAL A 520 41.36 14.31 4.62
C VAL A 520 42.49 13.61 3.87
N LYS A 521 42.38 13.57 2.55
CA LYS A 521 43.38 12.92 1.71
C LYS A 521 44.74 13.63 1.80
N GLN A 522 44.70 14.93 2.11
CA GLN A 522 45.91 15.71 2.23
C GLN A 522 46.59 15.51 3.58
N LEU A 523 45.80 15.18 4.59
CA LEU A 523 46.32 14.97 5.94
C LEU A 523 46.93 13.58 6.10
N LEU A 524 46.91 12.80 5.03
CA LEU A 524 47.48 11.45 5.06
C LEU A 524 48.99 11.49 4.88
N GLY A 525 49.69 12.06 5.86
CA GLY A 525 51.13 12.17 5.80
C GLY A 525 51.76 12.23 7.18
N ILE A 527 48.88 12.91 9.18
CA ILE A 527 48.35 12.64 10.52
C ILE A 527 47.33 11.50 10.46
N PRO A 528 47.17 10.77 11.58
CA PRO A 528 46.20 9.68 11.62
C PRO A 528 44.76 10.18 11.48
N LEU A 529 43.88 9.32 10.97
CA LEU A 529 42.48 9.68 10.77
C LEU A 529 41.75 9.87 12.10
N GLU A 530 42.27 9.24 13.15
CA GLU A 530 41.67 9.33 14.47
C GLU A 530 41.66 10.76 14.99
N GLU A 531 42.69 11.53 14.65
CA GLU A 531 42.79 12.91 15.07
C GLU A 531 41.90 13.81 14.21
N ILE A 532 41.70 13.40 12.97
CA ILE A 532 40.84 14.15 12.05
C ILE A 532 39.38 14.01 12.46
N GLU A 533 39.00 12.81 12.87
CA GLU A 533 37.64 12.55 13.32
C GLU A 533 37.45 13.02 14.77
N GLN A 534 38.55 13.29 15.45
CA GLN A 534 38.52 13.77 16.83
C GLN A 534 37.95 15.18 16.89
N LYS A 535 38.10 15.93 15.80
CA LYS A 535 37.56 17.27 15.70
C LYS A 535 36.04 17.24 15.64
N GLY A 536 35.49 16.11 15.21
CA GLY A 536 34.05 15.93 15.13
C GLY A 536 33.41 16.71 14.00
N ILE A 537 34.20 17.00 12.97
CA ILE A 537 33.71 17.74 11.82
C ILE A 537 32.70 16.92 11.02
N HIS A 538 32.96 15.62 10.92
CA HIS A 538 32.10 14.72 10.17
C HIS A 538 30.69 14.64 10.74
N GLU A 539 30.58 14.72 12.07
CA GLU A 539 29.28 14.70 12.73
C GLU A 539 28.51 15.98 12.46
N LYS A 540 29.23 17.06 12.20
CA LYS A 540 28.60 18.35 11.91
C LYS A 540 28.02 18.35 10.50
N ILE A 541 28.58 17.54 9.63
CA ILE A 541 28.12 17.43 8.25
C ILE A 541 26.87 16.57 8.16
N ILE A 542 26.77 15.58 9.04
CA ILE A 542 25.61 14.71 9.09
C ILE A 542 24.36 15.47 9.52
N LYS A 543 24.53 16.41 10.44
CA LYS A 543 23.41 17.17 10.97
C LYS A 543 22.94 18.27 10.03
N LEU A 544 23.63 18.41 8.89
CA LEU A 544 23.31 19.46 7.93
C LEU A 544 21.92 19.32 7.30
N ARG A 545 21.57 18.10 6.91
CA ARG A 545 20.30 17.84 6.23
C ARG A 545 19.09 18.15 7.12
N TYR A 546 19.26 18.00 8.43
CA TYR A 546 18.18 18.26 9.37
C TYR A 546 17.98 19.74 9.66
N LYS A 547 18.90 20.56 9.16
CA LYS A 547 18.80 22.00 9.35
C LYS A 547 17.78 22.61 8.39
N SER A 548 17.24 23.77 8.76
CA SER A 548 16.17 24.40 8.01
C SER A 548 16.64 24.99 6.68
N LEU A 549 16.68 26.31 6.60
CA LEU A 549 17.05 27.00 5.38
C LEU A 549 18.23 27.94 5.61
N LYS A 550 17.99 28.98 6.42
CA LYS A 550 19.02 29.96 6.72
C LYS A 550 20.10 29.38 7.64
N GLU A 551 19.68 28.49 8.53
CA GLU A 551 20.60 27.85 9.47
C GLU A 551 21.54 26.89 8.75
N PHE A 552 21.06 26.31 7.66
CA PHE A 552 21.86 25.38 6.87
C PHE A 552 22.97 26.11 6.12
N ARG A 553 22.68 27.32 5.66
CA ARG A 553 23.65 28.12 4.94
C ARG A 553 24.80 28.56 5.83
N GLU A 554 24.49 28.77 7.10
CA GLU A 554 25.47 29.31 8.05
C GLU A 554 26.43 28.26 8.59
N GLU A 555 25.98 27.01 8.66
CA GLU A 555 26.83 25.93 9.15
C GLU A 555 27.83 25.51 8.07
N ILE A 556 27.45 25.69 6.81
CA ILE A 556 28.35 25.40 5.70
C ILE A 556 29.60 26.27 5.78
N LYS A 557 29.40 27.57 6.00
CA LYS A 557 30.51 28.50 6.14
C LYS A 557 31.11 28.45 7.53
N ALA A 558 30.65 27.48 8.33
CA ALA A 558 31.23 27.25 9.65
C ALA A 558 32.12 26.00 9.60
N ILE A 559 31.71 25.03 8.79
CA ILE A 559 32.50 23.84 8.57
C ILE A 559 33.73 24.16 7.74
N GLU A 560 33.55 25.04 6.75
CA GLU A 560 34.65 25.47 5.88
C GLU A 560 35.79 26.10 6.69
N GLN A 561 35.44 26.73 7.80
CA GLN A 561 36.44 27.29 8.71
C GLN A 561 37.12 26.18 9.51
N GLU A 562 36.35 25.13 9.81
CA GLU A 562 36.90 23.98 10.50
C GLU A 562 37.65 23.08 9.53
N ILE A 563 37.38 23.26 8.24
CA ILE A 563 38.09 22.53 7.19
C ILE A 563 39.57 22.93 7.18
N LEU A 564 39.82 24.22 7.42
CA LEU A 564 41.17 24.74 7.45
C LEU A 564 42.07 24.01 8.43
N SER A 565 42.87 23.08 7.90
CA SER A 565 43.76 22.26 8.72
C SER A 565 45.14 22.89 8.83
N LEU A 566 45.21 24.20 8.59
CA LEU A 566 46.47 24.93 8.68
C LEU A 566 46.81 25.29 10.12
N PRO B 2 -26.35 -35.85 -7.58
CA PRO B 2 -26.23 -35.79 -6.13
C PRO B 2 -24.97 -36.51 -5.65
N SER B 3 -23.83 -35.83 -5.74
CA SER B 3 -22.56 -36.39 -5.30
C SER B 3 -22.28 -36.01 -3.85
N ILE B 4 -21.98 -37.00 -3.02
CA ILE B 4 -21.77 -36.76 -1.60
C ILE B 4 -20.42 -37.27 -1.09
N LYS B 5 -19.52 -36.33 -0.80
CA LYS B 5 -18.27 -36.65 -0.13
C LYS B 5 -17.90 -35.50 0.79
N PRO B 6 -18.31 -35.59 2.07
CA PRO B 6 -18.16 -34.54 3.09
C PRO B 6 -16.79 -33.89 3.11
N PRO B 7 -16.73 -32.56 3.27
CA PRO B 7 -17.92 -31.71 3.43
C PRO B 7 -18.40 -31.12 2.11
N LEU B 8 -17.82 -31.57 1.00
CA LEU B 8 -18.19 -31.04 -0.31
C LEU B 8 -19.26 -31.90 -0.98
N ILE B 9 -20.29 -31.25 -1.52
CA ILE B 9 -21.36 -31.96 -2.21
C ILE B 9 -21.70 -31.31 -3.55
N ALA B 10 -22.31 -32.09 -4.44
CA ALA B 10 -22.80 -31.59 -5.72
C ALA B 10 -24.32 -31.64 -5.73
N VAL B 11 -24.94 -30.60 -6.28
CA VAL B 11 -26.39 -30.48 -6.22
C VAL B 11 -26.99 -29.76 -7.43
N GLU B 12 -28.10 -30.30 -7.94
CA GLU B 12 -28.80 -29.68 -9.06
C GLU B 12 -29.79 -28.63 -8.54
N LEU B 13 -29.53 -27.37 -8.87
CA LEU B 13 -30.40 -26.28 -8.42
C LEU B 13 -30.81 -25.38 -9.58
N GLU B 14 -32.09 -25.03 -9.62
CA GLU B 14 -32.61 -24.16 -10.67
C GLU B 14 -32.11 -22.73 -10.48
N ASN B 15 -31.10 -22.36 -11.27
CA ASN B 15 -30.47 -21.05 -11.18
C ASN B 15 -29.99 -20.71 -9.77
N PRO B 16 -28.86 -21.31 -9.35
CA PRO B 16 -28.32 -21.13 -8.00
C PRO B 16 -27.78 -19.72 -7.75
N MET B 17 -27.20 -19.51 -6.57
CA MET B 17 -26.63 -18.23 -6.19
C MET B 17 -25.27 -18.44 -5.54
N LEU B 18 -24.33 -17.55 -5.83
CA LEU B 18 -22.99 -17.63 -5.24
C LEU B 18 -23.07 -17.30 -3.75
N GLY B 19 -22.65 -18.25 -2.92
CA GLY B 19 -22.66 -18.07 -1.48
C GLY B 19 -24.04 -18.27 -0.88
N GLU B 20 -24.91 -18.94 -1.63
CA GLU B 20 -26.28 -19.19 -1.18
C GLU B 20 -26.31 -20.22 -0.06
N VAL B 21 -27.17 -19.98 0.94
CA VAL B 21 -27.33 -20.89 2.05
C VAL B 21 -28.50 -21.84 1.81
N ILE B 22 -28.23 -23.14 1.85
CA ILE B 22 -29.26 -24.15 1.64
C ILE B 22 -29.48 -25.00 2.89
N ASP B 23 -30.66 -24.89 3.47
CA ASP B 23 -31.01 -25.67 4.65
C ASP B 23 -31.27 -27.13 4.29
N LEU B 24 -30.62 -28.03 5.03
CA LEU B 24 -30.84 -29.46 4.84
C LEU B 24 -31.69 -30.02 5.97
N GLU B 25 -31.58 -31.32 6.21
CA GLU B 25 -32.37 -31.98 7.25
C GLU B 25 -31.97 -31.50 8.65
N GLU B 26 -30.68 -31.63 8.98
CA GLU B 26 -30.18 -31.24 10.28
C GLU B 26 -28.90 -30.42 10.17
N THR B 27 -28.71 -29.76 9.04
CA THR B 27 -27.52 -28.94 8.81
C THR B 27 -27.75 -27.92 7.69
N LYS B 28 -26.73 -27.11 7.44
CA LYS B 28 -26.80 -26.11 6.38
C LYS B 28 -25.60 -26.25 5.44
N ALA B 29 -25.59 -25.47 4.36
CA ALA B 29 -24.51 -25.53 3.39
C ALA B 29 -24.36 -24.22 2.60
N ILE B 30 -23.16 -23.97 2.09
CA ILE B 30 -22.89 -22.76 1.32
C ILE B 30 -22.55 -23.09 -0.13
N VAL B 31 -23.40 -22.64 -1.05
CA VAL B 31 -23.17 -22.85 -2.47
C VAL B 31 -21.98 -22.03 -2.95
N ILE B 32 -20.88 -22.71 -3.22
CA ILE B 32 -19.63 -22.03 -3.59
C ILE B 32 -19.40 -21.99 -5.11
N ALA B 33 -20.02 -22.92 -5.83
CA ALA B 33 -19.87 -22.98 -7.28
C ALA B 33 -21.23 -22.86 -7.95
N ALA B 34 -21.24 -22.36 -9.19
CA ALA B 34 -22.49 -22.17 -9.93
C ALA B 34 -22.29 -22.12 -11.44
N TYR B 35 -22.74 -23.16 -12.13
CA TYR B 35 -22.75 -23.18 -13.58
C TYR B 35 -24.06 -23.78 -14.07
N GLU B 36 -24.87 -22.96 -14.75
CA GLU B 36 -26.19 -23.36 -15.21
C GLU B 36 -27.07 -23.85 -14.07
N ASN B 37 -27.44 -25.12 -14.11
CA ASN B 37 -28.26 -25.71 -13.06
C ASN B 37 -27.47 -26.67 -12.18
N LYS B 38 -26.16 -26.52 -12.18
CA LYS B 38 -25.28 -27.33 -11.34
C LYS B 38 -24.56 -26.45 -10.32
N ALA B 39 -24.33 -26.98 -9.13
CA ALA B 39 -23.69 -26.22 -8.06
C ALA B 39 -22.98 -27.10 -7.04
N LEU B 40 -21.93 -26.57 -6.44
CA LEU B 40 -21.19 -27.26 -5.39
C LEU B 40 -21.39 -26.53 -4.06
N ALA B 41 -21.51 -27.29 -2.97
CA ALA B 41 -21.78 -26.70 -1.67
C ALA B 41 -20.90 -27.27 -0.56
N LEU B 42 -20.59 -26.43 0.42
CA LEU B 42 -19.82 -26.84 1.59
C LEU B 42 -20.69 -26.91 2.84
N LEU B 43 -20.72 -28.08 3.48
CA LEU B 43 -21.53 -28.29 4.66
C LEU B 43 -20.96 -27.58 5.88
N PHE B 44 -21.84 -27.17 6.79
CA PHE B 44 -21.42 -26.50 8.02
C PHE B 44 -20.71 -27.47 8.95
N ASP B 45 -21.27 -28.66 9.08
CA ASP B 45 -20.67 -29.70 9.93
C ASP B 45 -20.60 -31.04 9.19
N TYR B 46 -21.19 -32.07 9.77
CA TYR B 46 -21.17 -33.40 9.16
C TYR B 46 -22.58 -33.89 8.82
N TYR B 47 -22.71 -34.48 7.63
CA TYR B 47 -23.99 -35.02 7.17
C TYR B 47 -23.78 -36.46 6.68
N THR B 48 -24.87 -37.17 6.44
CA THR B 48 -24.78 -38.57 6.05
C THR B 48 -25.80 -38.98 4.98
N GLY B 49 -27.08 -38.93 5.34
CA GLY B 49 -28.14 -39.49 4.53
C GLY B 49 -28.47 -38.75 3.24
N GLU B 50 -29.71 -38.92 2.80
CA GLU B 50 -30.19 -38.35 1.54
C GLU B 50 -30.33 -36.83 1.59
N ILE B 51 -30.47 -36.22 0.41
CA ILE B 51 -30.63 -34.78 0.29
C ILE B 51 -31.71 -34.42 -0.73
N GLN B 53 -34.48 -33.41 0.85
CA GLN B 53 -35.30 -32.21 0.66
C GLN B 53 -34.50 -30.95 0.91
N ILE B 54 -34.24 -30.19 -0.14
CA ILE B 54 -33.43 -28.98 -0.05
C ILE B 54 -34.30 -27.75 0.19
N ASN B 55 -33.84 -26.89 1.09
CA ASN B 55 -34.56 -25.65 1.39
C ASN B 55 -33.72 -24.42 1.08
N ARG B 56 -33.82 -23.94 -0.16
CA ARG B 56 -33.06 -22.78 -0.60
C ARG B 56 -33.59 -21.48 0.01
N GLN B 57 -32.73 -20.78 0.73
CA GLN B 57 -33.11 -19.52 1.35
C GLN B 57 -33.18 -18.40 0.33
N GLY B 58 -32.14 -18.28 -0.49
CA GLY B 58 -32.07 -17.23 -1.49
C GLY B 58 -31.22 -16.07 -0.99
N ASN B 59 -30.44 -16.31 0.06
CA ASN B 59 -29.58 -15.29 0.63
C ASN B 59 -28.20 -15.84 0.96
N THR B 60 -27.24 -14.94 1.14
CA THR B 60 -25.93 -15.31 1.65
C THR B 60 -26.07 -15.49 3.16
N TYR B 61 -25.03 -16.01 3.80
CA TYR B 61 -25.09 -16.22 5.25
C TYR B 61 -25.12 -14.89 5.98
N LYS B 62 -26.25 -14.58 6.59
CA LYS B 62 -26.44 -13.32 7.29
C LYS B 62 -26.60 -13.53 8.79
N ILE B 63 -25.89 -12.73 9.58
CA ILE B 63 -26.00 -12.80 11.03
C ILE B 63 -26.69 -11.55 11.59
N ALA B 64 -27.36 -11.71 12.72
CA ALA B 64 -28.02 -10.60 13.38
C ALA B 64 -26.99 -9.73 14.09
N VAL B 65 -27.22 -8.42 14.09
CA VAL B 65 -26.30 -7.49 14.75
C VAL B 65 -26.90 -6.88 16.01
N SER B 66 -26.21 -7.06 17.13
CA SER B 66 -26.64 -6.53 18.42
C SER B 66 -25.49 -6.55 19.41
N GLU B 67 -25.78 -6.31 20.67
CA GLU B 67 -24.77 -6.37 21.72
C GLU B 67 -24.98 -7.60 22.60
N ASP B 68 -25.76 -8.55 22.09
CA ASP B 68 -26.01 -9.79 22.79
C ASP B 68 -24.77 -10.67 22.76
N TYR B 69 -23.95 -10.49 21.73
CA TYR B 69 -22.73 -11.26 21.56
C TYR B 69 -21.70 -10.91 22.63
N ILE B 70 -21.74 -9.67 23.09
CA ILE B 70 -20.79 -9.18 24.09
C ILE B 70 -20.98 -9.90 25.43
N GLY B 71 -20.17 -10.93 25.65
CA GLY B 71 -20.24 -11.69 26.88
C GLY B 71 -20.64 -13.15 26.66
N GLY B 72 -20.51 -13.62 25.42
CA GLY B 72 -20.88 -14.97 25.07
C GLY B 72 -19.89 -15.66 24.16
N ILE B 73 -19.89 -16.98 24.18
CA ILE B 73 -19.00 -17.78 23.34
C ILE B 73 -19.75 -18.35 22.14
N PHE B 74 -19.20 -18.14 20.95
CA PHE B 74 -19.83 -18.63 19.73
C PHE B 74 -18.84 -19.40 18.86
N ASN B 75 -19.29 -19.84 17.70
CA ASN B 75 -18.43 -20.54 16.76
C ASN B 75 -18.16 -19.70 15.52
N GLY B 76 -17.80 -20.37 14.42
CA GLY B 76 -17.48 -19.68 13.19
C GLY B 76 -18.69 -19.13 12.47
N PHE B 77 -19.87 -19.55 12.90
CA PHE B 77 -21.11 -19.09 12.28
C PHE B 77 -21.84 -18.07 13.15
N GLY B 78 -21.34 -17.89 14.37
CA GLY B 78 -21.98 -17.00 15.31
C GLY B 78 -23.07 -17.68 16.09
N GLU B 79 -23.21 -18.99 15.86
CA GLU B 79 -24.21 -19.80 16.55
C GLU B 79 -23.89 -19.89 18.04
N PRO B 80 -24.91 -19.78 18.90
CA PRO B 80 -24.74 -19.77 20.35
C PRO B 80 -24.25 -21.10 20.90
N ILE B 81 -23.21 -21.04 21.74
CA ILE B 81 -22.68 -22.23 22.41
C ILE B 81 -22.94 -22.11 23.91
N LYS B 82 -22.80 -20.90 24.43
CA LYS B 82 -23.03 -20.64 25.85
C LYS B 82 -24.50 -20.77 26.20
N PRO B 84 -27.87 -18.75 25.23
CA PRO B 84 -28.90 -17.78 24.83
C PRO B 84 -28.67 -17.25 23.42
N LYS B 85 -29.62 -17.54 22.52
CA LYS B 85 -29.52 -17.08 21.14
C LYS B 85 -29.69 -15.56 21.09
N PRO B 86 -28.82 -14.88 20.32
CA PRO B 86 -28.88 -13.43 20.19
C PRO B 86 -30.17 -12.98 19.49
N TYR B 87 -30.63 -11.77 19.79
CA TYR B 87 -31.82 -11.23 19.18
C TYR B 87 -31.65 -11.09 17.67
N PRO B 88 -32.61 -11.60 16.90
CA PRO B 88 -32.61 -11.53 15.44
C PRO B 88 -33.65 -10.55 14.87
N GLU B 89 -33.28 -9.27 14.72
CA GLU B 89 -31.95 -8.80 15.09
C GLU B 89 -31.20 -8.14 13.96
N ASP B 90 -31.91 -7.81 12.88
CA ASP B 90 -31.32 -7.15 11.72
C ASP B 90 -30.18 -7.95 11.10
N TYR B 91 -30.51 -8.83 10.17
CA TYR B 91 -29.53 -9.68 9.52
C TYR B 91 -28.63 -8.86 8.59
N ARG B 92 -27.33 -9.13 8.65
CA ARG B 92 -26.35 -8.38 7.84
C ARG B 92 -25.43 -9.32 7.09
N ASP B 93 -24.93 -8.86 5.95
CA ASP B 93 -23.97 -9.62 5.16
C ASP B 93 -22.66 -9.73 5.95
N ILE B 94 -22.22 -10.97 6.17
CA ILE B 94 -21.01 -11.20 6.96
C ILE B 94 -19.74 -10.72 6.26
N ASN B 95 -19.82 -10.59 4.94
CA ASN B 95 -18.70 -10.07 4.15
C ASN B 95 -18.55 -8.56 4.33
N GLY B 96 -19.65 -7.90 4.61
CA GLY B 96 -19.65 -6.46 4.84
C GLY B 96 -19.45 -5.66 3.56
N LEU B 97 -18.91 -4.46 3.70
CA LEU B 97 -18.65 -3.59 2.55
C LEU B 97 -17.27 -2.95 2.66
N ALA B 98 -16.80 -2.40 1.54
CA ALA B 98 -15.51 -1.73 1.51
C ALA B 98 -15.61 -0.33 2.11
N ILE B 99 -14.79 -0.05 3.11
CA ILE B 99 -14.80 1.24 3.79
C ILE B 99 -14.19 2.32 2.91
N ASN B 100 -14.93 3.42 2.75
CA ASN B 100 -14.45 4.56 1.98
C ASN B 100 -13.28 5.25 2.67
N PRO B 101 -12.12 5.30 1.97
CA PRO B 101 -10.90 5.93 2.52
C PRO B 101 -11.07 7.43 2.74
N TYR B 102 -12.02 8.04 2.06
CA TYR B 102 -12.32 9.46 2.25
C TYR B 102 -12.94 9.70 3.62
N ALA B 103 -13.67 8.70 4.11
CA ALA B 103 -14.33 8.81 5.40
C ALA B 103 -13.43 8.30 6.52
N ARG B 104 -12.31 7.68 6.14
CA ARG B 104 -11.37 7.14 7.11
C ARG B 104 -10.62 8.24 7.85
N LYS B 105 -9.85 7.83 8.86
CA LYS B 105 -9.01 8.74 9.62
C LYS B 105 -7.75 8.02 10.07
N VAL B 106 -6.59 8.52 9.64
CA VAL B 106 -5.32 7.91 9.99
C VAL B 106 -5.09 7.96 11.50
N PRO B 107 -4.93 6.78 12.12
CA PRO B 107 -4.73 6.63 13.56
C PRO B 107 -3.57 7.49 14.08
N ASN B 108 -3.82 8.22 15.16
CA ASN B 108 -2.81 9.10 15.74
C ASN B 108 -2.76 9.00 17.26
N GLU B 109 -3.57 8.12 17.82
CA GLU B 109 -3.63 7.95 19.27
C GLU B 109 -3.04 6.60 19.68
N ILE B 110 -1.88 6.65 20.33
CA ILE B 110 -1.15 5.44 20.73
C ILE B 110 -1.79 4.76 21.94
N LEU B 111 -2.04 3.46 21.80
CA LEU B 111 -2.52 2.65 22.92
C LEU B 111 -1.35 1.96 23.60
N TYR B 112 -0.95 2.46 24.77
CA TYR B 112 0.20 1.92 25.48
C TYR B 112 -0.07 0.52 26.02
N THR B 113 0.85 -0.39 25.74
CA THR B 113 0.69 -1.80 26.12
C THR B 113 1.34 -2.11 27.46
N GLY B 114 2.27 -1.26 27.87
CA GLY B 114 3.01 -1.49 29.10
C GLY B 114 4.25 -2.32 28.85
N ILE B 115 4.49 -2.62 27.58
CA ILE B 115 5.65 -3.41 27.17
C ILE B 115 6.69 -2.50 26.52
N SER B 116 7.89 -2.47 27.11
CA SER B 116 8.96 -1.59 26.64
C SER B 116 9.40 -1.93 25.22
N SER B 117 9.38 -3.21 24.88
CA SER B 117 9.80 -3.65 23.56
C SER B 117 8.77 -3.31 22.48
N ILE B 118 7.67 -2.69 22.90
CA ILE B 118 6.62 -2.28 21.98
C ILE B 118 6.39 -0.76 22.02
N ASP B 119 6.04 -0.25 23.20
CA ASP B 119 5.67 1.16 23.36
C ASP B 119 6.71 2.15 22.83
N VAL B 120 7.98 1.88 23.09
CA VAL B 120 9.05 2.80 22.71
C VAL B 120 9.32 2.81 21.21
N ALA B 121 9.76 1.67 20.69
CA ALA B 121 10.17 1.58 19.29
C ALA B 121 8.99 1.52 18.32
N HIS B 122 8.13 0.51 18.47
CA HIS B 122 7.03 0.31 17.54
C HIS B 122 5.69 0.23 18.26
N PRO B 123 5.19 1.38 18.76
CA PRO B 123 3.97 1.42 19.57
C PRO B 123 2.71 1.10 18.76
N LEU B 124 1.66 0.68 19.47
CA LEU B 124 0.38 0.37 18.85
C LEU B 124 -0.58 1.54 18.99
N LEU B 125 -1.23 1.91 17.88
CA LEU B 125 -2.18 3.02 17.88
C LEU B 125 -3.61 2.50 17.81
N LYS B 126 -4.56 3.33 18.24
CA LYS B 126 -5.96 2.94 18.28
C LYS B 126 -6.57 2.88 16.88
N GLY B 127 -7.01 1.69 16.49
CA GLY B 127 -7.59 1.48 15.17
C GLY B 127 -6.58 0.88 14.20
N GLN B 128 -5.31 0.94 14.57
CA GLN B 128 -4.24 0.41 13.74
C GLN B 128 -4.27 -1.11 13.65
N LYS B 129 -4.09 -1.63 12.43
CA LYS B 129 -3.97 -3.06 12.24
C LYS B 129 -2.51 -3.50 12.25
N ILE B 130 -2.17 -4.40 13.17
CA ILE B 130 -0.81 -4.88 13.30
C ILE B 130 -0.77 -6.36 13.69
N ALA B 131 0.09 -7.13 13.03
CA ALA B 131 0.13 -8.57 13.24
C ALA B 131 1.25 -9.01 14.17
N ILE B 132 1.23 -10.28 14.57
CA ILE B 132 2.26 -10.85 15.41
C ILE B 132 2.84 -12.11 14.77
N PHE B 133 4.02 -11.99 14.17
CA PHE B 133 4.70 -13.14 13.59
C PHE B 133 5.45 -13.89 14.67
N SER B 134 5.34 -15.22 14.68
CA SER B 134 5.94 -16.03 15.71
C SER B 134 6.35 -17.41 15.21
N PRO B 135 7.57 -17.85 15.55
CA PRO B 135 8.01 -19.22 15.30
C PRO B 135 7.17 -20.19 16.11
N PRO B 136 6.98 -21.42 15.62
CA PRO B 136 6.17 -22.44 16.30
C PRO B 136 6.64 -22.69 17.72
N GLY B 137 5.72 -22.65 18.67
CA GLY B 137 6.03 -22.96 20.06
C GLY B 137 6.42 -21.78 20.93
N LEU B 138 6.45 -20.59 20.34
CA LEU B 138 6.80 -19.38 21.08
C LEU B 138 5.57 -18.71 21.66
N PRO B 139 5.70 -18.11 22.87
CA PRO B 139 4.59 -17.47 23.56
C PRO B 139 3.98 -16.31 22.78
N MET B 140 3.22 -16.62 21.74
CA MET B 140 2.53 -15.60 20.97
C MET B 140 1.16 -15.34 21.58
N GLU B 141 0.56 -16.39 22.13
CA GLU B 141 -0.75 -16.28 22.76
C GLU B 141 -0.68 -15.39 24.00
N ARG B 142 0.38 -15.55 24.78
CA ARG B 142 0.58 -14.73 25.97
C ARG B 142 0.82 -13.27 25.60
N LEU B 143 1.45 -13.05 24.45
CA LEU B 143 1.72 -11.70 23.97
C LEU B 143 0.42 -10.99 23.63
N ALA B 144 -0.56 -11.75 23.15
CA ALA B 144 -1.87 -11.18 22.82
C ALA B 144 -2.68 -10.91 24.08
N LEU B 145 -2.64 -11.85 25.02
CA LEU B 145 -3.40 -11.73 26.26
C LEU B 145 -2.86 -10.59 27.13
N GLN B 146 -1.56 -10.33 27.03
CA GLN B 146 -0.94 -9.25 27.79
C GLN B 146 -1.30 -7.89 27.21
N ILE B 147 -1.43 -7.83 25.88
CA ILE B 147 -1.81 -6.61 25.20
C ILE B 147 -3.27 -6.26 25.51
N ALA B 148 -4.16 -7.23 25.29
CA ALA B 148 -5.59 -7.03 25.50
C ALA B 148 -5.92 -6.71 26.96
N ARG B 149 -5.03 -7.10 27.86
CA ARG B 149 -5.20 -6.84 29.28
C ARG B 149 -5.06 -5.36 29.60
N ASN B 150 -4.22 -4.67 28.82
CA ASN B 150 -3.85 -3.30 29.15
C ASN B 150 -4.37 -2.23 28.19
N VAL B 151 -4.72 -2.62 26.98
CA VAL B 151 -5.19 -1.64 25.99
C VAL B 151 -6.70 -1.75 25.75
N ALA B 152 -7.33 -2.72 26.39
CA ALA B 152 -8.78 -2.93 26.24
C ALA B 152 -9.50 -2.90 27.57
N LYS B 153 -9.03 -2.05 28.48
CA LYS B 153 -9.65 -1.91 29.79
C LYS B 153 -11.02 -1.25 29.66
N ASP B 154 -11.15 -0.38 28.67
CA ASP B 154 -12.41 0.34 28.43
C ASP B 154 -12.94 0.03 27.03
N LYS B 155 -12.62 -1.15 26.52
CA LYS B 155 -12.99 -1.54 25.17
C LYS B 155 -13.60 -2.93 25.11
N THR B 156 -14.24 -3.24 23.98
CA THR B 156 -14.82 -4.56 23.75
C THR B 156 -13.80 -5.46 23.06
N ILE B 157 -13.58 -6.64 23.63
CA ILE B 157 -12.57 -7.56 23.12
C ILE B 157 -13.18 -8.70 22.30
N ILE B 158 -13.25 -8.50 20.99
CA ILE B 158 -13.76 -9.54 20.10
C ILE B 158 -12.64 -10.48 19.66
N PHE B 159 -12.78 -11.76 19.96
CA PHE B 159 -11.75 -12.75 19.64
C PHE B 159 -12.25 -13.83 18.68
N ALA B 160 -11.52 -14.01 17.59
CA ALA B 160 -11.86 -15.03 16.60
C ALA B 160 -10.83 -16.15 16.60
N ALA B 161 -11.27 -17.36 16.96
CA ALA B 161 -10.39 -18.51 17.00
C ALA B 161 -10.46 -19.30 15.69
N ILE B 162 -9.34 -19.38 14.99
CA ILE B 162 -9.31 -20.03 13.68
C ILE B 162 -8.52 -21.33 13.68
N GLY B 163 -9.24 -22.46 13.68
CA GLY B 163 -8.63 -23.77 13.60
C GLY B 163 -7.66 -24.09 14.72
N VAL B 164 -7.91 -23.52 15.89
CA VAL B 164 -7.01 -23.70 17.03
C VAL B 164 -7.44 -24.88 17.91
N PRO B 165 -6.45 -25.58 18.50
CA PRO B 165 -6.72 -26.68 19.44
C PRO B 165 -7.42 -26.18 20.70
N SER B 166 -7.88 -27.13 21.53
CA SER B 166 -8.60 -26.78 22.75
C SER B 166 -7.70 -26.12 23.79
N ASP B 167 -6.39 -26.24 23.61
CA ASP B 167 -5.42 -25.66 24.54
C ASP B 167 -5.12 -24.21 24.20
N ILE B 168 -5.49 -23.79 22.99
CA ILE B 168 -5.20 -22.44 22.54
C ILE B 168 -6.29 -21.43 22.89
N TYR B 169 -7.53 -21.73 22.49
CA TYR B 169 -8.62 -20.77 22.73
C TYR B 169 -9.05 -20.72 24.19
N LYS B 170 -8.93 -21.84 24.89
CA LYS B 170 -9.26 -21.88 26.32
C LYS B 170 -8.19 -21.18 27.16
N MET B 171 -7.04 -20.93 26.54
CA MET B 171 -6.01 -20.12 27.18
C MET B 171 -6.45 -18.66 27.15
N PHE B 172 -7.20 -18.32 26.11
CA PHE B 172 -7.78 -16.98 25.99
C PHE B 172 -9.01 -16.84 26.86
N ILE B 173 -9.84 -17.87 26.89
CA ILE B 173 -11.08 -17.86 27.66
C ILE B 173 -10.82 -17.74 29.16
N ASP B 174 -9.97 -18.61 29.68
CA ASP B 174 -9.65 -18.62 31.11
C ASP B 174 -9.00 -17.31 31.55
N GLU B 175 -8.25 -16.70 30.65
CA GLU B 175 -7.61 -15.42 30.93
C GLU B 175 -8.65 -14.31 31.06
N PHE B 176 -9.68 -14.37 30.23
CA PHE B 176 -10.76 -13.39 30.27
C PHE B 176 -11.59 -13.52 31.54
N ILE B 177 -11.67 -14.73 32.07
CA ILE B 177 -12.42 -14.99 33.30
C ILE B 177 -11.64 -14.54 34.53
N ASN B 178 -10.34 -14.84 34.54
CA ASN B 178 -9.48 -14.43 35.64
C ASN B 178 -9.30 -12.92 35.72
N THR B 179 -9.32 -12.26 34.56
CA THR B 179 -9.18 -10.81 34.50
C THR B 179 -10.55 -10.12 34.49
N LYS B 180 -11.60 -10.93 34.62
CA LYS B 180 -12.97 -10.43 34.65
C LYS B 180 -13.33 -9.63 33.41
N ALA B 181 -12.77 -10.02 32.26
CA ALA B 181 -13.05 -9.35 31.01
C ALA B 181 -13.88 -10.24 30.09
N ILE B 182 -14.42 -11.31 30.66
CA ILE B 182 -15.22 -12.27 29.90
C ILE B 182 -16.56 -11.65 29.46
N MET B 183 -17.11 -10.78 30.30
CA MET B 183 -18.38 -10.12 29.98
C MET B 183 -18.15 -8.87 29.13
N ASN B 184 -16.89 -8.46 29.01
CA ASN B 184 -16.52 -7.36 28.12
C ASN B 184 -15.85 -7.90 26.86
N SER B 185 -16.26 -9.10 26.45
CA SER B 185 -15.64 -9.76 25.31
C SER B 185 -16.63 -10.59 24.50
N ALA B 186 -16.25 -10.90 23.26
CA ALA B 186 -17.05 -11.76 22.39
C ALA B 186 -16.13 -12.75 21.70
N ILE B 187 -16.42 -14.04 21.85
CA ILE B 187 -15.53 -15.08 21.35
C ILE B 187 -16.16 -15.97 20.28
N PHE B 188 -15.48 -16.11 19.16
CA PHE B 188 -15.93 -16.99 18.07
C PHE B 188 -14.87 -18.05 17.82
N ILE B 189 -15.25 -19.32 17.98
CA ILE B 189 -14.28 -20.41 17.93
C ILE B 189 -14.56 -21.43 16.83
N SER B 190 -13.65 -21.56 15.89
CA SER B 190 -13.71 -22.62 14.89
C SER B 190 -12.68 -23.69 15.23
N LYS B 191 -13.16 -24.89 15.53
CA LYS B 191 -12.29 -25.98 15.97
C LYS B 191 -11.30 -26.41 14.89
N ALA B 192 -10.33 -27.22 15.28
CA ALA B 192 -9.28 -27.67 14.36
C ALA B 192 -9.84 -28.60 13.28
N ASP B 193 -10.70 -29.52 13.68
CA ASP B 193 -11.28 -30.48 12.74
C ASP B 193 -12.62 -29.99 12.20
N SER B 194 -12.93 -28.72 12.44
CA SER B 194 -14.17 -28.13 11.96
C SER B 194 -14.13 -27.91 10.45
N SER B 195 -15.30 -27.68 9.86
CA SER B 195 -15.41 -27.47 8.42
C SER B 195 -14.67 -26.21 7.98
N PRO B 196 -14.05 -26.24 6.79
CA PRO B 196 -13.34 -25.08 6.25
C PRO B 196 -14.24 -23.86 6.06
N ILE B 197 -15.53 -24.10 5.85
CA ILE B 197 -16.48 -23.01 5.69
C ILE B 197 -16.69 -22.29 7.03
N GLU B 198 -16.39 -22.99 8.11
CA GLU B 198 -16.51 -22.42 9.45
C GLU B 198 -15.23 -21.71 9.85
N LYS B 199 -14.12 -22.16 9.30
CA LYS B 199 -12.81 -21.59 9.62
C LYS B 199 -12.50 -20.35 8.80
N ILE B 200 -13.38 -20.01 7.86
CA ILE B 200 -13.21 -18.80 7.06
C ILE B 200 -14.25 -17.74 7.40
N TYR B 201 -15.39 -18.17 7.94
CA TYR B 201 -16.44 -17.25 8.33
C TYR B 201 -16.18 -16.66 9.71
N THR B 202 -15.30 -17.32 10.48
CA THR B 202 -14.99 -16.90 11.83
C THR B 202 -14.46 -15.45 11.94
N PRO B 203 -13.45 -15.08 11.13
CA PRO B 203 -13.01 -13.69 11.24
C PRO B 203 -13.94 -12.75 10.48
N ARG B 204 -14.84 -13.31 9.68
CA ARG B 204 -15.78 -12.51 8.91
C ARG B 204 -16.99 -12.10 9.74
N VAL B 205 -17.39 -12.95 10.67
CA VAL B 205 -18.52 -12.65 11.54
C VAL B 205 -18.07 -11.86 12.77
N ALA B 206 -16.79 -12.00 13.11
CA ALA B 206 -16.21 -11.30 14.24
C ALA B 206 -16.02 -9.83 13.91
N LEU B 207 -15.71 -9.56 12.64
CA LEU B 207 -15.51 -8.19 12.18
C LEU B 207 -16.85 -7.54 11.78
N THR B 208 -17.80 -8.37 11.36
CA THR B 208 -19.14 -7.90 11.06
C THR B 208 -19.77 -7.35 12.34
N LEU B 209 -19.45 -8.00 13.46
CA LEU B 209 -19.86 -7.52 14.77
C LEU B 209 -19.03 -6.31 15.17
N ALA B 210 -17.74 -6.36 14.86
CA ALA B 210 -16.82 -5.26 15.20
C ALA B 210 -17.19 -3.97 14.48
N GLU B 211 -17.59 -4.08 13.22
CA GLU B 211 -18.01 -2.93 12.45
C GLU B 211 -19.30 -2.33 13.02
N TYR B 212 -20.17 -3.20 13.51
CA TYR B 212 -21.44 -2.78 14.09
C TYR B 212 -21.24 -2.08 15.44
N LEU B 213 -20.38 -2.64 16.28
CA LEU B 213 -20.13 -2.09 17.60
C LEU B 213 -19.37 -0.78 17.55
N ALA B 214 -18.39 -0.70 16.65
CA ALA B 214 -17.49 0.44 16.60
C ALA B 214 -18.00 1.59 15.73
N PHE B 215 -18.47 1.27 14.52
CA PHE B 215 -18.80 2.30 13.55
C PHE B 215 -20.29 2.60 13.46
N GLU B 216 -21.09 1.91 14.28
CA GLU B 216 -22.53 2.15 14.29
C GLU B 216 -23.03 2.41 15.72
N LYS B 217 -22.45 1.70 16.68
CA LYS B 217 -22.79 1.90 18.08
C LYS B 217 -21.79 2.81 18.77
N ASN B 218 -20.84 3.33 17.99
CA ASN B 218 -19.83 4.26 18.48
C ASN B 218 -19.00 3.72 19.65
N ARG B 219 -18.09 2.80 19.35
CA ARG B 219 -17.23 2.20 20.36
C ARG B 219 -15.81 1.97 19.85
N ASP B 220 -14.89 1.72 20.78
CA ASP B 220 -13.55 1.31 20.44
C ASP B 220 -13.43 -0.19 20.68
N VAL B 221 -13.10 -0.94 19.63
CA VAL B 221 -13.08 -2.39 19.71
C VAL B 221 -11.72 -2.99 19.38
N LEU B 222 -11.21 -3.83 20.27
CA LEU B 222 -9.97 -4.55 20.02
C LEU B 222 -10.25 -5.98 19.55
N VAL B 223 -9.77 -6.30 18.36
CA VAL B 223 -10.03 -7.62 17.78
C VAL B 223 -8.75 -8.45 17.65
N LEU B 224 -8.76 -9.64 18.23
CA LEU B 224 -7.63 -10.56 18.15
C LEU B 224 -8.05 -11.81 17.39
N MET B 225 -7.17 -12.30 16.51
CA MET B 225 -7.47 -13.50 15.74
C MET B 225 -6.28 -14.44 15.59
N LEU B 226 -6.59 -15.74 15.55
CA LEU B 226 -5.60 -16.80 15.53
C LEU B 226 -6.34 -18.12 15.27
N ASP B 227 -5.83 -18.94 14.37
CA ASP B 227 -4.57 -18.71 13.67
C ASP B 227 -4.81 -18.38 12.19
N MET B 228 -4.13 -17.34 11.72
CA MET B 228 -4.26 -16.91 10.32
C MET B 228 -3.66 -17.93 9.36
N THR B 229 -2.70 -18.71 9.84
CA THR B 229 -2.10 -19.76 9.04
C THR B 229 -3.13 -20.85 8.76
N ASN B 230 -4.00 -21.08 9.74
CA ASN B 230 -5.08 -22.04 9.59
C ASN B 230 -6.17 -21.50 8.66
N TYR B 231 -6.33 -20.17 8.68
CA TYR B 231 -7.30 -19.52 7.82
C TYR B 231 -6.91 -19.66 6.35
N ALA B 232 -5.63 -19.46 6.06
CA ALA B 232 -5.11 -19.63 4.72
C ALA B 232 -5.15 -21.10 4.32
N ASP B 233 -5.04 -21.96 5.32
CA ASP B 233 -5.12 -23.41 5.09
C ASP B 233 -6.56 -23.80 4.78
N ALA B 234 -7.50 -23.11 5.41
CA ALA B 234 -8.92 -23.39 5.19
C ALA B 234 -9.38 -22.86 3.83
N LEU B 235 -8.85 -21.71 3.44
CA LEU B 235 -9.18 -21.11 2.16
C LEU B 235 -8.61 -21.94 1.01
N ARG B 236 -7.40 -22.45 1.20
CA ARG B 236 -6.75 -23.30 0.21
C ARG B 236 -7.53 -24.60 0.04
N GLU B 237 -8.13 -25.06 1.13
CA GLU B 237 -8.92 -26.28 1.11
C GLU B 237 -10.15 -26.12 0.21
N ILE B 238 -10.79 -24.96 0.30
CA ILE B 238 -11.96 -24.66 -0.51
C ILE B 238 -11.57 -24.40 -1.96
N SER B 239 -10.43 -23.72 -2.14
CA SER B 239 -9.91 -23.43 -3.47
C SER B 239 -9.54 -24.71 -4.20
N THR B 240 -9.21 -25.74 -3.44
CA THR B 240 -8.87 -27.04 -4.01
C THR B 240 -10.16 -27.79 -4.40
N LEU B 241 -11.13 -27.77 -3.50
CA LEU B 241 -12.42 -28.41 -3.76
C LEU B 241 -13.10 -27.80 -4.98
N ARG B 242 -13.15 -26.48 -5.03
CA ARG B 242 -13.67 -25.78 -6.19
C ARG B 242 -12.63 -25.82 -7.31
N LYS B 243 -12.85 -26.70 -8.29
CA LYS B 243 -11.88 -26.98 -9.33
C LYS B 243 -11.30 -25.78 -10.06
N GLU B 244 -10.33 -25.13 -9.44
CA GLU B 244 -9.61 -24.03 -10.07
C GLU B 244 -8.11 -24.26 -10.02
N ILE B 245 -7.36 -23.40 -10.70
CA ILE B 245 -5.91 -23.54 -10.76
C ILE B 245 -5.25 -22.94 -9.52
N PRO B 246 -4.53 -23.78 -8.76
CA PRO B 246 -3.82 -23.32 -7.57
C PRO B 246 -2.54 -22.58 -7.94
N SER B 247 -1.76 -22.18 -6.93
CA SER B 247 -0.51 -21.47 -7.16
C SER B 247 0.62 -22.02 -6.30
N ARG B 248 1.35 -21.12 -5.66
CA ARG B 248 2.47 -21.50 -4.79
C ARG B 248 1.99 -22.29 -3.57
N ARG B 249 2.59 -23.46 -3.37
CA ARG B 249 2.25 -24.35 -2.26
C ARG B 249 0.78 -24.77 -2.25
N GLY B 250 0.15 -24.75 -3.42
CA GLY B 250 -1.24 -25.15 -3.56
C GLY B 250 -2.23 -24.06 -3.18
N TYR B 251 -1.72 -22.96 -2.64
CA TYR B 251 -2.57 -21.85 -2.23
C TYR B 251 -3.22 -21.16 -3.42
N PRO B 252 -4.44 -20.63 -3.22
CA PRO B 252 -5.15 -19.91 -4.28
C PRO B 252 -4.46 -18.61 -4.66
N ALA B 253 -4.77 -18.09 -5.85
CA ALA B 253 -4.16 -16.86 -6.34
C ALA B 253 -4.70 -15.64 -5.59
N TYR B 254 -5.96 -15.72 -5.18
CA TYR B 254 -6.61 -14.59 -4.50
C TYR B 254 -6.37 -14.62 -2.99
N LEU B 255 -5.21 -15.12 -2.58
CA LEU B 255 -4.85 -15.19 -1.18
C LEU B 255 -4.65 -13.79 -0.58
N TYR B 256 -3.99 -12.92 -1.34
CA TYR B 256 -3.72 -11.56 -0.89
C TYR B 256 -5.01 -10.78 -0.66
N THR B 257 -5.88 -10.78 -1.65
CA THR B 257 -7.13 -10.05 -1.58
C THR B 257 -8.04 -10.58 -0.48
N ASP B 258 -8.04 -11.90 -0.30
CA ASP B 258 -8.85 -12.52 0.73
C ASP B 258 -8.37 -12.15 2.13
N LEU B 259 -7.05 -12.10 2.30
CA LEU B 259 -6.47 -11.67 3.56
C LEU B 259 -6.63 -10.16 3.73
N ALA B 260 -6.79 -9.47 2.59
CA ALA B 260 -6.99 -8.03 2.60
C ALA B 260 -8.46 -7.70 2.86
N SER B 261 -9.32 -8.69 2.67
CA SER B 261 -10.76 -8.52 2.92
C SER B 261 -11.05 -8.74 4.40
N ILE B 262 -10.01 -8.77 5.22
CA ILE B 262 -10.14 -8.95 6.65
C ILE B 262 -9.40 -7.84 7.40
N TYR B 263 -8.13 -7.65 7.05
CA TYR B 263 -7.29 -6.65 7.71
C TYR B 263 -7.81 -5.25 7.44
N GLU B 264 -8.32 -5.02 6.22
CA GLU B 264 -8.86 -3.72 5.85
C GLU B 264 -10.18 -3.42 6.54
N ARG B 265 -10.80 -4.45 7.12
CA ARG B 265 -12.02 -4.26 7.89
C ARG B 265 -11.69 -3.78 9.30
N SER B 266 -10.89 -2.73 9.38
CA SER B 266 -10.45 -2.15 10.64
C SER B 266 -9.86 -0.77 10.38
N GLY B 267 -9.90 0.09 11.39
CA GLY B 267 -9.37 1.43 11.27
C GLY B 267 -9.94 2.41 12.27
N LEU B 268 -10.00 3.68 11.89
CA LEU B 268 -10.50 4.73 12.77
C LEU B 268 -11.49 5.64 12.05
N THR B 269 -12.66 5.82 12.67
CA THR B 269 -13.68 6.73 12.14
C THR B 269 -14.02 7.74 13.23
N SER B 270 -14.76 8.78 12.88
CA SER B 270 -15.14 9.82 13.83
C SER B 270 -16.10 9.30 14.90
N LYS B 271 -16.64 8.10 14.68
CA LYS B 271 -17.58 7.49 15.62
C LYS B 271 -16.87 6.51 16.55
N GLY B 272 -16.06 5.63 15.96
CA GLY B 272 -15.34 4.63 16.75
C GLY B 272 -14.08 4.15 16.06
N SER B 273 -13.57 3.01 16.51
CA SER B 273 -12.33 2.45 15.95
C SER B 273 -12.25 0.95 16.14
N ILE B 274 -11.48 0.29 15.27
CA ILE B 274 -11.27 -1.15 15.36
C ILE B 274 -9.78 -1.48 15.37
N THR B 275 -9.26 -1.83 16.55
CA THR B 275 -7.87 -2.24 16.66
C THR B 275 -7.75 -3.74 16.43
N LEU B 276 -7.12 -4.11 15.32
CA LEU B 276 -7.02 -5.52 14.94
C LEU B 276 -5.60 -6.06 15.11
N ILE B 277 -5.46 -7.19 15.78
CA ILE B 277 -4.17 -7.85 15.94
C ILE B 277 -4.22 -9.30 15.47
N PRO B 278 -3.95 -9.51 14.17
CA PRO B 278 -3.87 -10.86 13.60
C PRO B 278 -2.63 -11.59 14.12
N MET B 279 -2.70 -12.92 14.16
CA MET B 279 -1.57 -13.71 14.63
C MET B 279 -1.38 -14.96 13.78
N LEU B 280 -0.14 -15.24 13.41
CA LEU B 280 0.15 -16.41 12.60
C LEU B 280 1.53 -17.01 12.87
N THR B 281 1.57 -18.32 13.02
CA THR B 281 2.83 -19.05 13.20
C THR B 281 3.49 -19.29 11.85
N MET B 282 4.62 -18.64 11.63
CA MET B 282 5.36 -18.78 10.37
C MET B 282 5.86 -20.19 10.17
N PRO B 283 5.35 -20.87 9.12
CA PRO B 283 5.69 -22.26 8.83
C PRO B 283 7.18 -22.45 8.57
N GLY B 284 7.87 -23.09 9.50
CA GLY B 284 9.31 -23.32 9.37
C GLY B 284 10.12 -22.11 9.77
N ASN B 285 9.51 -21.21 10.55
CA ASN B 285 10.14 -19.98 11.00
C ASN B 285 10.72 -19.17 9.85
N ASP B 286 9.92 -19.04 8.78
CA ASP B 286 10.34 -18.29 7.61
C ASP B 286 9.39 -17.13 7.35
N ILE B 287 9.92 -15.92 7.42
CA ILE B 287 9.09 -14.72 7.26
C ILE B 287 8.72 -14.47 5.80
N THR B 288 9.47 -15.09 4.89
CA THR B 288 9.19 -14.94 3.46
C THR B 288 8.28 -16.05 2.95
N HIS B 289 7.68 -16.80 3.88
CA HIS B 289 6.70 -17.82 3.53
C HIS B 289 5.45 -17.15 2.95
N VAL B 290 4.68 -17.89 2.17
CA VAL B 290 3.56 -17.33 1.43
C VAL B 290 2.47 -16.70 2.30
N VAL B 291 2.44 -17.06 3.57
CA VAL B 291 1.43 -16.53 4.50
C VAL B 291 1.88 -15.27 5.26
N PRO B 292 3.04 -15.32 5.93
CA PRO B 292 3.45 -14.09 6.64
C PRO B 292 3.91 -12.97 5.70
N ASP B 293 4.26 -13.33 4.47
CA ASP B 293 4.75 -12.33 3.52
C ASP B 293 3.62 -11.42 3.03
N LEU B 294 2.54 -12.03 2.55
CA LEU B 294 1.39 -11.27 2.09
C LEU B 294 0.72 -10.52 3.23
N THR B 295 0.82 -11.10 4.43
CA THR B 295 0.28 -10.47 5.63
C THR B 295 1.04 -9.17 5.92
N GLY B 296 2.35 -9.21 5.73
CA GLY B 296 3.19 -8.04 5.93
C GLY B 296 2.94 -6.97 4.88
N TYR B 297 2.38 -7.40 3.74
CA TYR B 297 2.05 -6.48 2.65
C TYR B 297 0.72 -5.77 2.89
N ILE B 298 0.00 -6.21 3.92
CA ILE B 298 -1.30 -5.63 4.23
C ILE B 298 -1.30 -4.93 5.59
N THR B 299 -0.88 -5.67 6.62
CA THR B 299 -0.86 -5.14 7.98
C THR B 299 0.07 -3.93 8.10
N GLU B 300 -0.34 -2.96 8.91
CA GLU B 300 0.45 -1.75 9.12
C GLU B 300 1.56 -1.98 10.12
N GLY B 301 2.39 -2.97 9.84
CA GLY B 301 3.48 -3.34 10.73
C GLY B 301 3.28 -4.73 11.31
N GLN B 302 4.27 -5.23 12.04
CA GLN B 302 4.19 -6.55 12.64
C GLN B 302 5.15 -6.71 13.81
N TYR B 303 4.87 -7.68 14.68
CA TYR B 303 5.76 -7.99 15.80
C TYR B 303 6.40 -9.37 15.59
N VAL B 304 7.63 -9.38 15.11
CA VAL B 304 8.34 -10.62 14.86
C VAL B 304 8.98 -11.16 16.13
N LEU B 305 8.70 -12.43 16.43
CA LEU B 305 9.28 -13.08 17.60
C LEU B 305 10.60 -13.78 17.26
N SER B 306 11.46 -13.92 18.27
CA SER B 306 12.80 -14.46 18.06
C SER B 306 13.06 -15.75 18.85
N GLN B 307 13.47 -16.80 18.15
CA GLN B 307 13.83 -18.05 18.79
C GLN B 307 15.12 -17.90 19.59
N ASP B 308 16.01 -17.04 19.11
CA ASP B 308 17.27 -16.79 19.78
C ASP B 308 17.03 -16.15 21.14
N LEU B 309 16.15 -15.17 21.19
CA LEU B 309 15.78 -14.53 22.45
C LEU B 309 15.00 -15.50 23.32
N HIS B 310 14.15 -16.30 22.70
CA HIS B 310 13.36 -17.30 23.42
C HIS B 310 14.26 -18.34 24.08
N SER B 311 15.34 -18.69 23.39
CA SER B 311 16.32 -19.62 23.93
C SER B 311 17.12 -18.97 25.05
N LYS B 312 17.18 -17.64 25.03
CA LYS B 312 17.84 -16.89 26.08
C LYS B 312 16.87 -16.59 27.22
N ASN B 313 15.72 -17.26 27.20
CA ASN B 313 14.67 -17.09 28.20
C ASN B 313 14.22 -15.62 28.30
N ILE B 314 13.93 -15.02 27.15
CA ILE B 314 13.52 -13.62 27.10
C ILE B 314 12.06 -13.48 26.67
N TYR B 315 11.24 -12.91 27.56
CA TYR B 315 9.85 -12.62 27.23
C TYR B 315 9.57 -11.13 27.40
N PRO B 316 8.95 -10.51 26.38
CA PRO B 316 8.57 -11.15 25.12
C PRO B 316 9.76 -11.24 24.16
N PRO B 317 9.92 -12.38 23.48
CA PRO B 317 11.04 -12.61 22.55
C PRO B 317 10.87 -11.83 21.26
N ILE B 318 10.62 -10.53 21.36
CA ILE B 318 10.37 -9.68 20.20
C ILE B 318 11.66 -9.14 19.60
N ASP B 319 11.82 -9.33 18.30
CA ASP B 319 12.96 -8.79 17.58
C ASP B 319 12.74 -7.31 17.30
N LEU B 320 13.53 -6.46 17.94
CA LEU B 320 13.37 -5.01 17.82
C LEU B 320 13.63 -4.51 16.40
N LEU B 321 14.56 -5.16 15.71
CA LEU B 321 14.97 -4.71 14.38
C LEU B 321 14.09 -5.26 13.26
N LYS B 322 13.46 -6.41 13.50
CA LYS B 322 12.58 -7.00 12.51
C LYS B 322 11.14 -6.50 12.64
N SER B 323 10.75 -6.15 13.86
CA SER B 323 9.41 -5.65 14.12
C SER B 323 9.17 -4.31 13.44
N LEU B 324 7.91 -3.99 13.18
CA LEU B 324 7.56 -2.78 12.44
C LEU B 324 6.22 -2.19 12.89
N SER B 325 6.13 -0.87 12.85
CA SER B 325 4.88 -0.17 13.07
C SER B 325 4.87 1.09 12.20
N ARG B 326 4.11 1.04 11.11
CA ARG B 326 4.13 2.11 10.11
C ARG B 326 3.55 3.42 10.63
N LEU B 327 2.41 3.35 11.28
CA LEU B 327 1.72 4.54 11.77
C LEU B 327 2.19 4.94 13.16
N ALA B 328 3.32 4.39 13.58
CA ALA B 328 3.85 4.66 14.91
C ALA B 328 4.22 6.12 15.12
N LYS B 329 4.91 6.70 14.15
CA LYS B 329 5.40 8.08 14.26
C LYS B 329 4.28 9.12 14.21
N ASN B 330 3.05 8.67 14.02
CA ASN B 330 1.90 9.57 13.97
C ASN B 330 1.36 9.90 15.37
N GLY B 331 1.90 9.22 16.37
CA GLY B 331 1.50 9.46 17.75
C GLY B 331 2.70 9.75 18.63
N MET B 332 3.88 9.38 18.15
CA MET B 332 5.12 9.61 18.89
C MET B 332 5.51 11.08 18.87
N SER B 333 5.74 11.64 20.05
CA SER B 333 6.13 13.05 20.17
C SER B 333 7.60 13.23 19.79
N LYS B 334 8.05 14.48 19.82
CA LYS B 334 9.43 14.80 19.46
C LYS B 334 10.42 14.17 20.44
N LYS B 335 10.00 13.99 21.68
CA LYS B 335 10.81 13.33 22.69
C LYS B 335 10.74 11.82 22.53
N HIS B 336 9.56 11.33 22.18
CA HIS B 336 9.34 9.90 22.00
C HIS B 336 10.11 9.37 20.79
N LYS B 337 10.16 10.19 19.74
CA LYS B 337 10.87 9.82 18.52
C LYS B 337 12.38 9.71 18.75
N LYS B 338 12.89 10.47 19.72
CA LYS B 338 14.31 10.45 20.04
C LYS B 338 14.73 9.11 20.61
N TYR B 339 13.94 8.59 21.55
CA TYR B 339 14.25 7.31 22.19
C TYR B 339 14.20 6.14 21.21
N ALA B 340 13.25 6.17 20.29
CA ALA B 340 13.11 5.11 19.29
C ALA B 340 14.32 5.07 18.36
N ASP B 341 14.83 6.24 18.02
CA ASP B 341 16.03 6.33 17.18
C ASP B 341 17.28 5.88 17.93
N ILE B 342 17.43 6.39 19.16
CA ILE B 342 18.58 6.03 19.99
C ILE B 342 18.61 4.53 20.28
N LEU B 343 17.45 3.97 20.62
CA LEU B 343 17.35 2.54 20.91
C LEU B 343 17.73 1.70 19.70
N ILE B 344 16.97 1.86 18.61
CA ILE B 344 17.16 1.05 17.41
C ILE B 344 18.56 1.15 16.81
N LYS B 345 19.03 2.38 16.59
CA LYS B 345 20.33 2.61 15.96
C LYS B 345 21.48 2.03 16.77
N SER B 346 21.43 2.19 18.08
CA SER B 346 22.48 1.68 18.95
C SER B 346 22.38 0.16 19.11
N TYR B 347 21.16 -0.35 19.06
CA TYR B 347 20.92 -1.78 19.16
C TYR B 347 21.30 -2.48 17.86
N ALA B 348 21.11 -1.77 16.75
CA ALA B 348 21.49 -2.30 15.44
C ALA B 348 23.00 -2.28 15.27
N LYS B 349 23.63 -1.24 15.79
CA LYS B 349 25.08 -1.12 15.74
C LYS B 349 25.70 -2.03 16.81
N GLY B 350 24.90 -2.41 17.79
CA GLY B 350 25.34 -3.30 18.84
C GLY B 350 25.40 -4.74 18.37
N LEU B 351 24.35 -5.18 17.69
CA LEU B 351 24.31 -6.52 17.12
C LEU B 351 25.32 -6.64 15.99
N GLU B 352 25.57 -5.53 15.31
CA GLU B 352 26.58 -5.49 14.27
C GLU B 352 27.96 -5.62 14.90
N ALA B 353 28.08 -5.17 16.14
CA ALA B 353 29.33 -5.30 16.89
C ALA B 353 29.35 -6.61 17.67
N ARG B 354 28.30 -7.40 17.53
CA ARG B 354 28.22 -8.70 18.18
C ARG B 354 28.76 -9.79 17.26
N ASP B 355 28.42 -9.69 15.98
CA ASP B 355 28.93 -10.61 14.97
C ASP B 355 30.43 -10.42 14.83
N ILE B 356 30.85 -9.16 14.79
CA ILE B 356 32.26 -8.82 14.79
C ILE B 356 32.72 -8.78 16.26
N ALA B 357 34.01 -8.59 16.48
CA ALA B 357 34.61 -8.63 17.82
C ALA B 357 34.30 -9.95 18.54
N THR B 358 34.37 -11.04 17.78
CA THR B 358 34.15 -12.38 18.31
C THR B 358 35.31 -13.27 17.90
N ILE B 359 35.41 -13.53 16.59
CA ILE B 359 36.57 -14.21 16.05
C ILE B 359 36.73 -13.89 14.57
N LEU B 365 36.90 -5.27 19.25
CA LEU B 365 36.88 -4.02 18.53
C LEU B 365 37.43 -2.87 19.38
N SER B 366 37.07 -1.64 19.02
CA SER B 366 37.52 -0.47 19.74
C SER B 366 36.59 -0.16 20.91
N LYS B 367 36.88 0.93 21.61
CA LYS B 367 36.08 1.35 22.76
C LYS B 367 34.67 1.76 22.34
N GLU B 368 34.56 2.30 21.13
CA GLU B 368 33.27 2.73 20.59
C GLU B 368 32.33 1.54 20.41
N ASP B 369 32.80 0.53 19.69
CA ASP B 369 31.99 -0.66 19.44
C ASP B 369 31.94 -1.59 20.65
N LYS B 370 32.65 -1.22 21.70
CA LYS B 370 32.61 -1.95 22.95
C LYS B 370 31.37 -1.52 23.74
N ALA B 371 30.99 -0.25 23.60
CA ALA B 371 29.85 0.30 24.30
C ALA B 371 28.53 -0.15 23.66
N TYR B 372 28.47 -0.12 22.34
CA TYR B 372 27.28 -0.55 21.61
C TYR B 372 27.00 -2.03 21.83
N LEU B 373 28.06 -2.82 21.93
CA LEU B 373 27.94 -4.24 22.19
C LEU B 373 27.36 -4.48 23.59
N LYS B 374 27.79 -3.67 24.55
CA LYS B 374 27.29 -3.76 25.90
C LYS B 374 25.86 -3.22 25.97
N PHE B 375 25.55 -2.27 25.11
CA PHE B 375 24.21 -1.70 25.03
C PHE B 375 23.18 -2.76 24.66
N ALA B 376 23.41 -3.43 23.53
CA ALA B 376 22.53 -4.49 23.06
C ALA B 376 22.50 -5.65 24.05
N GLU B 377 23.58 -5.78 24.82
CA GLU B 377 23.67 -6.83 25.83
C GLU B 377 22.76 -6.52 27.02
N LEU B 378 22.66 -5.23 27.37
CA LEU B 378 21.84 -4.81 28.50
C LEU B 378 20.39 -4.56 28.07
N VAL B 379 20.16 -4.37 26.78
CA VAL B 379 18.82 -4.16 26.26
C VAL B 379 18.00 -5.44 26.33
N GLU B 380 18.60 -6.55 25.91
CA GLU B 380 17.91 -7.84 25.90
C GLU B 380 17.63 -8.37 27.29
N LYS B 381 18.52 -8.06 28.24
CA LYS B 381 18.40 -8.57 29.61
C LYS B 381 17.46 -7.74 30.47
N GLU B 382 17.35 -6.44 30.18
CA GLU B 382 16.58 -5.54 31.03
C GLU B 382 15.41 -4.88 30.31
N PHE B 383 15.67 -4.35 29.12
CA PHE B 383 14.65 -3.61 28.38
C PHE B 383 13.64 -4.53 27.70
N ILE B 384 14.14 -5.48 26.91
CA ILE B 384 13.29 -6.41 26.19
C ILE B 384 12.62 -7.41 27.13
N LYS B 385 13.41 -7.97 28.04
CA LYS B 385 12.92 -8.96 29.00
C LYS B 385 11.96 -8.34 30.00
N GLN B 386 10.73 -8.86 30.04
CA GLN B 386 9.70 -8.35 30.94
C GLN B 386 8.82 -9.48 31.46
N ASP B 387 8.46 -9.40 32.73
CA ASP B 387 7.56 -10.38 33.34
C ASP B 387 6.19 -10.31 32.69
N TYR B 388 5.51 -11.45 32.62
CA TYR B 388 4.20 -11.53 31.98
C TYR B 388 3.15 -10.72 32.74
N TYR B 389 3.38 -10.53 34.03
CA TYR B 389 2.45 -9.75 34.86
C TYR B 389 3.10 -8.44 35.32
N GLU B 390 3.85 -7.82 34.42
CA GLU B 390 4.50 -6.54 34.72
C GLU B 390 4.09 -5.45 33.73
N TYR B 391 3.59 -4.34 34.27
CA TYR B 391 3.21 -3.20 33.44
C TYR B 391 4.18 -2.05 33.63
N ARG B 392 4.61 -1.45 32.52
CA ARG B 392 5.55 -0.34 32.58
C ARG B 392 4.98 0.91 31.92
N SER B 393 5.30 2.07 32.48
CA SER B 393 4.90 3.33 31.86
C SER B 393 5.93 3.73 30.81
N ILE B 394 5.57 4.66 29.95
CA ILE B 394 6.47 5.13 28.91
C ILE B 394 7.63 5.90 29.52
N GLU B 395 7.41 6.48 30.69
CA GLU B 395 8.46 7.17 31.42
C GLU B 395 9.42 6.15 32.03
N LYS B 396 8.86 5.09 32.59
CA LYS B 396 9.65 4.00 33.16
C LYS B 396 10.53 3.35 32.11
N SER B 397 9.99 3.22 30.90
CA SER B 397 10.73 2.65 29.78
C SER B 397 11.87 3.56 29.37
N PHE B 398 11.68 4.87 29.56
CA PHE B 398 12.73 5.84 29.29
C PHE B 398 13.81 5.76 30.36
N GLU B 399 13.38 5.49 31.59
CA GLU B 399 14.31 5.36 32.71
C GLU B 399 15.25 4.18 32.52
N ILE B 400 14.75 3.13 31.90
CA ILE B 400 15.56 1.96 31.60
C ILE B 400 16.60 2.28 30.54
N ILE B 401 16.15 2.90 29.45
CA ILE B 401 17.03 3.28 28.35
C ILE B 401 18.13 4.24 28.83
N ASP B 402 17.72 5.26 29.58
CA ASP B 402 18.66 6.23 30.11
C ASP B 402 19.67 5.60 31.06
N SER B 403 19.26 4.53 31.74
CA SER B 403 20.12 3.81 32.66
C SER B 403 21.12 2.93 31.92
N ILE B 404 20.64 2.27 30.87
CA ILE B 404 21.48 1.41 30.04
C ILE B 404 22.54 2.23 29.31
N LEU B 405 22.13 3.39 28.80
CA LEU B 405 23.05 4.29 28.10
C LEU B 405 24.16 4.78 29.02
N SER B 406 23.82 4.96 30.30
CA SER B 406 24.78 5.48 31.27
C SER B 406 25.72 4.40 31.81
N GLN B 407 25.52 3.16 31.35
CA GLN B 407 26.36 2.05 31.78
C GLN B 407 27.23 1.52 30.64
N SER B 408 26.74 1.66 29.41
CA SER B 408 27.44 1.14 28.24
C SER B 408 28.71 1.94 27.94
N GLY B 409 28.63 3.26 28.12
CA GLY B 409 29.73 4.14 27.78
C GLY B 409 29.23 5.24 26.85
N LEU B 410 27.96 5.15 26.48
CA LEU B 410 27.32 6.13 25.63
C LEU B 410 26.82 7.30 26.49
N PRO B 411 26.52 8.44 25.86
CA PRO B 411 25.93 9.57 26.59
C PRO B 411 24.60 9.19 27.24
S SO4 C . 6.45 -0.57 2.10
O1 SO4 C . 6.74 0.38 3.18
O2 SO4 C . 7.68 -0.80 1.33
O3 SO4 C . 6.00 -1.83 2.67
O4 SO4 C . 5.43 -0.01 1.22
#